data_6RPJ
#
_entry.id   6RPJ
#
_cell.length_a   309.977
_cell.length_b   75.708
_cell.length_c   83.047
_cell.angle_alpha   90.00
_cell.angle_beta   100.05
_cell.angle_gamma   90.00
#
_symmetry.space_group_name_H-M   'C 1 2 1'
#
loop_
_entity.id
_entity.type
_entity.pdbx_description
1 polymer 'Cytotoxic T-lymphocyte protein 4'
2 polymer 'A non-blocking CTLA-4 nanobody'
3 branched alpha-L-fucopyranose-(1-6)-2-acetamido-2-deoxy-beta-D-glucopyranose
4 non-polymer 2-acetamido-2-deoxy-beta-D-glucopyranose
5 non-polymer 'SODIUM ION'
6 water water
#
loop_
_entity_poly.entity_id
_entity_poly.type
_entity_poly.pdbx_seq_one_letter_code
_entity_poly.pdbx_strand_id
1 'polypeptide(L)'
;AMHVAQPAVVLASSRGIASFVCEYASPGKATEVRVTVLRQADSQVTEVCAATYMMGNELTFLDDSICTGTSSGNQVNLTI
QGLRAMDTGLYICKVELMYPPPYYLGIGNGTQIYVIDPEPGGSHHHHHH
;
A,C,E,G
2 'polypeptide(L)'
;QVQLQESGGGSVQAGGSLTLSCAASGYANSNTCMGWFRQAPGKERERVAAISGVGTGTYYADSVKGRFTISRDNGKNTLF
LQMNSLKPEDTAMYYCAAAPEGRAWCSRDPSGYNYWGQGTQVTVSSGSMDPGGSHHHHHHHH
;
B,D,F,H
#
# COMPACT_ATOMS: atom_id res chain seq x y z
N MET A 2 -13.46 -36.60 -22.09
CA MET A 2 -12.50 -35.76 -22.86
C MET A 2 -12.52 -34.33 -22.31
N HIS A 3 -11.36 -33.66 -22.31
CA HIS A 3 -11.19 -32.26 -21.83
C HIS A 3 -11.45 -31.29 -22.99
N VAL A 4 -12.35 -30.33 -22.79
CA VAL A 4 -12.73 -29.27 -23.77
C VAL A 4 -12.65 -27.91 -23.08
N ALA A 5 -11.76 -27.03 -23.55
CA ALA A 5 -11.53 -25.68 -23.01
C ALA A 5 -12.11 -24.64 -23.97
N GLN A 6 -12.69 -23.56 -23.42
CA GLN A 6 -13.26 -22.42 -24.20
C GLN A 6 -13.34 -21.19 -23.28
N PRO A 7 -13.34 -19.96 -23.85
CA PRO A 7 -13.47 -18.73 -23.04
C PRO A 7 -14.70 -18.76 -22.11
N ALA A 8 -14.54 -18.25 -20.89
CA ALA A 8 -15.59 -18.17 -19.85
C ALA A 8 -16.66 -17.15 -20.27
N VAL A 9 -16.23 -15.99 -20.80
CA VAL A 9 -17.11 -14.87 -21.23
C VAL A 9 -16.56 -14.28 -22.54
N VAL A 10 -17.46 -13.82 -23.41
CA VAL A 10 -17.14 -13.08 -24.66
C VAL A 10 -18.24 -12.03 -24.91
N LEU A 11 -17.86 -10.81 -25.26
CA LEU A 11 -18.80 -9.71 -25.61
C LEU A 11 -19.07 -9.74 -27.11
N ALA A 12 -20.34 -9.65 -27.51
CA ALA A 12 -20.79 -9.53 -28.91
C ALA A 12 -20.70 -8.07 -29.35
N SER A 13 -20.19 -7.81 -30.57
CA SER A 13 -20.02 -6.46 -31.16
C SER A 13 -21.38 -5.81 -31.36
N SER A 14 -21.39 -4.52 -31.73
CA SER A 14 -22.61 -3.71 -31.98
C SER A 14 -23.47 -4.34 -33.09
N ARG A 15 -22.82 -4.85 -34.14
CA ARG A 15 -23.48 -5.55 -35.28
C ARG A 15 -24.15 -6.84 -34.78
N GLY A 16 -23.52 -7.52 -33.82
CA GLY A 16 -24.05 -8.74 -33.17
C GLY A 16 -23.26 -9.98 -33.57
N ILE A 17 -21.93 -9.87 -33.65
CA ILE A 17 -20.99 -10.99 -33.98
C ILE A 17 -20.19 -11.31 -32.71
N ALA A 18 -20.02 -12.60 -32.39
CA ALA A 18 -19.29 -13.11 -31.21
C ALA A 18 -18.48 -14.35 -31.58
N SER A 19 -17.16 -14.21 -31.68
CA SER A 19 -16.20 -15.30 -31.98
C SER A 19 -15.61 -15.84 -30.66
N PHE A 20 -15.29 -17.14 -30.63
CA PHE A 20 -14.64 -17.82 -29.47
C PHE A 20 -14.01 -19.14 -29.92
N VAL A 21 -12.81 -19.45 -29.42
CA VAL A 21 -12.06 -20.72 -29.70
C VAL A 21 -12.67 -21.83 -28.86
N CYS A 22 -12.47 -23.08 -29.28
CA CYS A 22 -12.98 -24.31 -28.62
C CYS A 22 -11.99 -25.46 -28.86
N GLU A 23 -10.90 -25.52 -28.08
CA GLU A 23 -9.83 -26.54 -28.21
C GLU A 23 -10.20 -27.78 -27.38
N TYR A 24 -9.73 -28.95 -27.82
CA TYR A 24 -10.01 -30.28 -27.20
C TYR A 24 -8.73 -31.12 -27.24
N ALA A 25 -8.48 -31.86 -26.15
CA ALA A 25 -7.32 -32.77 -25.99
C ALA A 25 -7.63 -34.13 -26.61
N SER A 26 -7.42 -34.25 -27.93
CA SER A 26 -7.67 -35.47 -28.74
C SER A 26 -6.80 -36.62 -28.23
N PRO A 27 -7.37 -37.65 -27.56
CA PRO A 27 -6.57 -38.78 -27.06
C PRO A 27 -5.98 -39.62 -28.20
N GLY A 28 -6.84 -40.10 -29.11
CA GLY A 28 -6.45 -40.91 -30.28
C GLY A 28 -6.21 -40.05 -31.52
N LYS A 29 -5.79 -40.68 -32.62
CA LYS A 29 -5.50 -40.01 -33.91
C LYS A 29 -6.81 -39.88 -34.70
N ALA A 30 -7.73 -39.04 -34.23
CA ALA A 30 -9.08 -38.83 -34.81
C ALA A 30 -8.95 -38.17 -36.19
N THR A 31 -9.79 -38.56 -37.14
CA THR A 31 -9.85 -37.99 -38.53
C THR A 31 -11.12 -37.14 -38.67
N GLU A 32 -12.28 -37.66 -38.25
CA GLU A 32 -13.58 -36.92 -38.23
C GLU A 32 -13.87 -36.46 -36.80
N VAL A 33 -14.19 -35.17 -36.63
CA VAL A 33 -14.63 -34.55 -35.34
C VAL A 33 -15.86 -33.69 -35.62
N ARG A 34 -16.90 -33.81 -34.79
CA ARG A 34 -18.16 -33.03 -34.92
C ARG A 34 -18.28 -32.06 -33.74
N VAL A 35 -18.12 -30.76 -34.00
CA VAL A 35 -18.31 -29.66 -33.02
C VAL A 35 -19.76 -29.19 -33.10
N THR A 36 -20.47 -29.18 -31.97
CA THR A 36 -21.91 -28.78 -31.86
C THR A 36 -22.04 -27.69 -30.78
N VAL A 37 -22.66 -26.56 -31.13
CA VAL A 37 -22.88 -25.39 -30.24
C VAL A 37 -24.27 -25.52 -29.59
N LEU A 38 -24.32 -25.80 -28.29
CA LEU A 38 -25.56 -25.91 -27.49
C LEU A 38 -25.72 -24.65 -26.64
N ARG A 39 -26.81 -23.90 -26.86
CA ARG A 39 -27.19 -22.70 -26.06
C ARG A 39 -28.10 -23.15 -24.91
N GLN A 40 -27.63 -23.01 -23.67
CA GLN A 40 -28.38 -23.37 -22.43
C GLN A 40 -28.83 -22.08 -21.75
N ALA A 41 -30.15 -21.91 -21.55
CA ALA A 41 -30.79 -20.74 -20.93
C ALA A 41 -32.25 -21.06 -20.58
N ASP A 42 -32.69 -20.64 -19.38
CA ASP A 42 -34.07 -20.84 -18.86
C ASP A 42 -34.34 -22.35 -18.70
N SER A 43 -33.34 -23.13 -18.30
CA SER A 43 -33.40 -24.58 -18.01
C SER A 43 -33.90 -25.36 -19.23
N GLN A 44 -33.35 -25.05 -20.42
CA GLN A 44 -33.64 -25.76 -21.69
C GLN A 44 -32.44 -25.61 -22.63
N VAL A 45 -32.10 -26.69 -23.37
CA VAL A 45 -30.96 -26.74 -24.31
C VAL A 45 -31.47 -26.47 -25.73
N THR A 46 -30.71 -25.72 -26.52
CA THR A 46 -31.02 -25.33 -27.93
C THR A 46 -29.78 -25.57 -28.80
N GLU A 47 -29.86 -26.52 -29.73
CA GLU A 47 -28.77 -26.83 -30.70
C GLU A 47 -28.68 -25.70 -31.71
N VAL A 48 -27.74 -24.77 -31.50
CA VAL A 48 -27.55 -23.53 -32.31
C VAL A 48 -27.09 -23.92 -33.73
N CYS A 49 -26.07 -24.78 -33.81
CA CYS A 49 -25.44 -25.24 -35.07
C CYS A 49 -24.55 -26.46 -34.81
N ALA A 50 -24.10 -27.11 -35.89
CA ALA A 50 -23.20 -28.29 -35.88
C ALA A 50 -22.30 -28.24 -37.12
N ALA A 51 -21.04 -28.66 -36.98
CA ALA A 51 -20.05 -28.74 -38.08
C ALA A 51 -19.19 -29.99 -37.92
N THR A 52 -18.79 -30.58 -39.05
CA THR A 52 -17.89 -31.76 -39.14
C THR A 52 -16.49 -31.29 -39.60
N TYR A 53 -15.46 -31.60 -38.83
CA TYR A 53 -14.05 -31.19 -39.08
C TYR A 53 -13.22 -32.45 -39.40
N MET A 54 -12.91 -32.63 -40.69
CA MET A 54 -11.91 -33.63 -41.18
C MET A 54 -10.52 -33.03 -40.97
N MET A 55 -9.58 -33.80 -40.42
CA MET A 55 -8.27 -33.30 -39.93
C MET A 55 -7.53 -32.51 -41.02
N GLY A 56 -7.45 -33.05 -42.24
CA GLY A 56 -6.64 -32.48 -43.34
C GLY A 56 -7.42 -31.51 -44.22
N ASN A 57 -8.61 -31.07 -43.80
CA ASN A 57 -9.51 -30.22 -44.62
C ASN A 57 -10.20 -29.17 -43.74
N GLU A 58 -10.88 -28.22 -44.40
CA GLU A 58 -11.53 -27.05 -43.75
C GLU A 58 -12.84 -27.50 -43.09
N LEU A 59 -13.29 -26.76 -42.08
CA LEU A 59 -14.55 -27.00 -41.31
C LEU A 59 -15.76 -26.77 -42.23
N THR A 60 -16.75 -27.66 -42.16
CA THR A 60 -18.04 -27.59 -42.91
C THR A 60 -19.21 -27.68 -41.92
N PHE A 61 -20.12 -26.71 -41.96
CA PHE A 61 -21.33 -26.63 -41.09
C PHE A 61 -22.50 -27.32 -41.78
N LEU A 62 -23.35 -28.00 -41.00
CA LEU A 62 -24.54 -28.76 -41.50
C LEU A 62 -25.59 -27.76 -42.00
N ASP A 63 -25.73 -27.66 -43.33
CA ASP A 63 -26.72 -26.80 -44.04
C ASP A 63 -26.63 -25.37 -43.49
N ASP A 64 -27.76 -24.66 -43.37
CA ASP A 64 -27.82 -23.20 -43.08
C ASP A 64 -27.92 -22.96 -41.57
N SER A 65 -26.98 -22.18 -41.03
CA SER A 65 -26.90 -21.79 -39.59
C SER A 65 -26.31 -20.38 -39.46
N ILE A 66 -26.41 -19.80 -38.27
CA ILE A 66 -25.84 -18.46 -37.92
C ILE A 66 -24.33 -18.60 -37.69
N CYS A 67 -23.83 -19.82 -37.53
CA CYS A 67 -22.40 -20.11 -37.21
C CYS A 67 -21.55 -20.17 -38.48
N THR A 68 -20.35 -19.58 -38.40
CA THR A 68 -19.22 -19.77 -39.35
C THR A 68 -17.95 -20.04 -38.52
N GLY A 69 -16.84 -20.38 -39.17
CA GLY A 69 -15.56 -20.63 -38.48
C GLY A 69 -14.56 -21.37 -39.35
N THR A 70 -13.33 -21.51 -38.86
CA THR A 70 -12.22 -22.25 -39.51
C THR A 70 -11.45 -23.06 -38.45
N SER A 71 -11.06 -24.28 -38.79
CA SER A 71 -10.34 -25.24 -37.92
C SER A 71 -8.83 -24.98 -38.00
N SER A 72 -8.07 -25.42 -36.99
CA SER A 72 -6.60 -25.28 -36.90
C SER A 72 -6.03 -26.35 -35.95
N GLY A 73 -5.67 -27.51 -36.49
CA GLY A 73 -5.04 -28.63 -35.75
C GLY A 73 -6.06 -29.38 -34.90
N ASN A 74 -6.05 -29.15 -33.58
CA ASN A 74 -6.98 -29.79 -32.60
C ASN A 74 -7.74 -28.69 -31.85
N GLN A 75 -8.25 -27.69 -32.58
CA GLN A 75 -9.11 -26.60 -32.05
C GLN A 75 -9.85 -25.93 -33.21
N VAL A 76 -10.97 -25.26 -32.89
CA VAL A 76 -11.87 -24.59 -33.88
C VAL A 76 -12.16 -23.16 -33.39
N ASN A 77 -12.17 -22.19 -34.31
CA ASN A 77 -12.51 -20.77 -34.06
C ASN A 77 -13.93 -20.51 -34.59
N LEU A 78 -14.94 -20.70 -33.73
CA LEU A 78 -16.38 -20.53 -34.06
C LEU A 78 -16.72 -19.03 -34.08
N THR A 79 -17.65 -18.64 -34.96
CA THR A 79 -18.12 -17.23 -35.16
C THR A 79 -19.64 -17.23 -35.33
N ILE A 80 -20.38 -16.90 -34.26
CA ILE A 80 -21.86 -16.76 -34.26
C ILE A 80 -22.22 -15.34 -34.69
N GLN A 81 -23.14 -15.20 -35.65
CA GLN A 81 -23.53 -13.91 -36.29
C GLN A 81 -25.00 -13.59 -36.02
N GLY A 82 -25.37 -12.32 -36.19
CA GLY A 82 -26.76 -11.82 -36.12
C GLY A 82 -27.40 -12.09 -34.77
N LEU A 83 -26.67 -11.85 -33.68
CA LEU A 83 -27.15 -12.02 -32.28
C LEU A 83 -27.85 -10.74 -31.83
N ARG A 84 -28.84 -10.88 -30.93
CA ARG A 84 -29.59 -9.76 -30.30
C ARG A 84 -29.62 -9.97 -28.77
N ALA A 85 -30.21 -9.04 -28.04
CA ALA A 85 -30.26 -8.99 -26.55
C ALA A 85 -30.83 -10.30 -25.99
N MET A 86 -31.92 -10.79 -26.58
CA MET A 86 -32.70 -11.96 -26.09
C MET A 86 -31.91 -13.27 -26.28
N ASP A 87 -30.89 -13.27 -27.16
CA ASP A 87 -30.06 -14.47 -27.46
C ASP A 87 -29.01 -14.69 -26.36
N THR A 88 -28.75 -13.67 -25.53
CA THR A 88 -27.78 -13.71 -24.41
C THR A 88 -28.01 -14.98 -23.57
N GLY A 89 -27.01 -15.87 -23.51
CA GLY A 89 -27.05 -17.14 -22.76
C GLY A 89 -25.71 -17.83 -22.71
N LEU A 90 -25.66 -19.06 -22.21
CA LEU A 90 -24.44 -19.90 -22.08
C LEU A 90 -24.32 -20.79 -23.32
N TYR A 91 -23.34 -20.53 -24.17
CA TYR A 91 -23.08 -21.25 -25.45
C TYR A 91 -22.06 -22.37 -25.22
N ILE A 92 -22.55 -23.55 -24.83
CA ILE A 92 -21.75 -24.77 -24.54
C ILE A 92 -21.24 -25.34 -25.87
N CYS A 93 -20.01 -25.85 -25.89
CA CYS A 93 -19.28 -26.35 -27.09
C CYS A 93 -19.04 -27.86 -26.94
N LYS A 94 -19.93 -28.67 -27.51
CA LYS A 94 -19.85 -30.16 -27.50
C LYS A 94 -18.95 -30.63 -28.63
N VAL A 95 -17.93 -31.45 -28.31
CA VAL A 95 -16.99 -32.05 -29.29
C VAL A 95 -17.15 -33.58 -29.24
N GLU A 96 -17.14 -34.23 -30.41
CA GLU A 96 -17.31 -35.70 -30.57
C GLU A 96 -16.31 -36.22 -31.61
N LEU A 97 -15.42 -37.12 -31.21
CA LEU A 97 -14.50 -37.85 -32.13
C LEU A 97 -15.26 -39.02 -32.76
N MET A 98 -15.81 -38.82 -33.96
CA MET A 98 -16.78 -39.74 -34.61
C MET A 98 -16.04 -40.91 -35.30
N TYR A 99 -14.86 -40.64 -35.88
CA TYR A 99 -14.09 -41.64 -36.68
C TYR A 99 -12.59 -41.33 -36.60
N PRO A 100 -11.69 -42.35 -36.54
CA PRO A 100 -12.10 -43.75 -36.38
C PRO A 100 -12.44 -44.07 -34.93
N PRO A 101 -12.93 -45.30 -34.62
CA PRO A 101 -13.18 -45.71 -33.24
C PRO A 101 -11.90 -45.68 -32.40
N PRO A 102 -11.99 -45.54 -31.06
CA PRO A 102 -13.27 -45.50 -30.34
C PRO A 102 -13.89 -44.10 -30.28
N TYR A 103 -15.17 -44.03 -29.91
CA TYR A 103 -15.97 -42.78 -29.78
C TYR A 103 -15.61 -42.09 -28.46
N TYR A 104 -15.33 -40.79 -28.53
CA TYR A 104 -15.01 -39.89 -27.39
C TYR A 104 -15.99 -38.70 -27.40
N LEU A 105 -16.54 -38.35 -26.23
CA LEU A 105 -17.44 -37.18 -26.04
C LEU A 105 -16.77 -36.17 -25.10
N GLY A 106 -16.78 -34.89 -25.47
CA GLY A 106 -16.28 -33.76 -24.66
C GLY A 106 -17.27 -32.60 -24.66
N ILE A 107 -17.66 -32.13 -23.47
CA ILE A 107 -18.58 -30.96 -23.27
C ILE A 107 -17.90 -29.96 -22.34
N GLY A 108 -17.61 -28.75 -22.85
CA GLY A 108 -16.99 -27.65 -22.09
C GLY A 108 -17.96 -27.01 -21.11
N ASN A 109 -17.45 -26.20 -20.18
CA ASN A 109 -18.24 -25.47 -19.16
C ASN A 109 -19.22 -24.51 -19.87
N GLY A 110 -18.77 -23.91 -20.98
CA GLY A 110 -19.60 -23.05 -21.85
C GLY A 110 -19.12 -21.60 -21.85
N THR A 111 -19.32 -20.90 -22.97
CA THR A 111 -19.00 -19.46 -23.15
C THR A 111 -20.28 -18.63 -22.98
N GLN A 112 -20.35 -17.82 -21.92
CA GLN A 112 -21.48 -16.89 -21.63
C GLN A 112 -21.34 -15.68 -22.56
N ILE A 113 -21.99 -15.72 -23.73
CA ILE A 113 -21.98 -14.62 -24.74
C ILE A 113 -23.03 -13.57 -24.34
N TYR A 114 -22.57 -12.35 -24.02
CA TYR A 114 -23.41 -11.19 -23.64
C TYR A 114 -23.63 -10.30 -24.87
N VAL A 115 -24.90 -9.94 -25.12
CA VAL A 115 -25.34 -9.15 -26.32
C VAL A 115 -26.28 -8.03 -25.84
N ILE A 116 -26.18 -6.86 -26.46
CA ILE A 116 -27.09 -5.68 -26.20
C ILE A 116 -27.42 -5.01 -27.55
N ASP A 117 -28.65 -4.52 -27.69
CA ASP A 117 -29.19 -3.93 -28.95
C ASP A 117 -28.78 -2.47 -29.06
N PRO A 118 -28.12 -2.03 -30.17
CA PRO A 118 -27.86 -0.62 -30.41
C PRO A 118 -29.13 0.21 -30.63
N GLU A 119 -28.96 1.51 -30.93
CA GLU A 119 -30.05 2.48 -31.22
C GLU A 119 -29.55 3.53 -32.22
N GLN B 1 -47.25 -32.18 -27.85
CA GLN B 1 -46.45 -32.15 -29.12
C GLN B 1 -46.72 -30.83 -29.86
N VAL B 2 -45.81 -30.46 -30.77
CA VAL B 2 -45.91 -29.22 -31.61
C VAL B 2 -46.94 -29.46 -32.71
N GLN B 3 -47.79 -28.48 -32.99
CA GLN B 3 -48.84 -28.52 -34.05
C GLN B 3 -48.84 -27.19 -34.81
N LEU B 4 -48.77 -27.25 -36.14
CA LEU B 4 -48.73 -26.09 -37.07
C LEU B 4 -50.00 -26.06 -37.92
N GLN B 5 -50.57 -24.87 -38.12
CA GLN B 5 -51.79 -24.64 -38.96
C GLN B 5 -51.59 -23.39 -39.81
N GLU B 6 -51.69 -23.53 -41.14
CA GLU B 6 -51.50 -22.44 -42.13
C GLU B 6 -52.79 -21.61 -42.25
N SER B 7 -52.67 -20.44 -42.89
CA SER B 7 -53.80 -19.52 -43.24
C SER B 7 -53.28 -18.44 -44.18
N GLY B 8 -54.19 -17.64 -44.75
CA GLY B 8 -53.87 -16.45 -45.58
C GLY B 8 -53.54 -16.81 -47.02
N GLY B 9 -53.72 -18.08 -47.42
CA GLY B 9 -53.51 -18.56 -48.79
C GLY B 9 -54.71 -18.27 -49.67
N GLY B 10 -54.52 -18.30 -51.00
CA GLY B 10 -55.60 -18.08 -51.98
C GLY B 10 -55.05 -17.79 -53.37
N SER B 11 -55.95 -17.60 -54.35
CA SER B 11 -55.64 -17.27 -55.76
C SER B 11 -55.51 -15.75 -55.93
N VAL B 12 -54.53 -15.30 -56.72
CA VAL B 12 -54.28 -13.86 -57.03
C VAL B 12 -53.77 -13.74 -58.47
N GLN B 13 -53.68 -12.51 -58.99
CA GLN B 13 -53.19 -12.21 -60.36
C GLN B 13 -51.66 -12.08 -60.33
N ALA B 14 -51.01 -12.33 -61.48
CA ALA B 14 -49.54 -12.26 -61.66
C ALA B 14 -49.04 -10.85 -61.31
N GLY B 15 -47.88 -10.77 -60.66
CA GLY B 15 -47.28 -9.52 -60.18
C GLY B 15 -47.97 -9.02 -58.92
N GLY B 16 -48.81 -9.86 -58.30
CA GLY B 16 -49.60 -9.52 -57.09
C GLY B 16 -48.80 -9.76 -55.81
N SER B 17 -49.49 -9.86 -54.67
CA SER B 17 -48.86 -10.05 -53.34
CA SER B 17 -48.86 -10.04 -53.33
C SER B 17 -49.79 -10.84 -52.42
N LEU B 18 -49.21 -11.68 -51.56
CA LEU B 18 -49.89 -12.50 -50.52
C LEU B 18 -49.00 -12.58 -49.28
N THR B 19 -49.61 -12.90 -48.13
CA THR B 19 -48.91 -13.10 -46.82
C THR B 19 -49.49 -14.35 -46.18
N LEU B 20 -48.69 -15.43 -46.10
CA LEU B 20 -49.08 -16.71 -45.47
C LEU B 20 -48.70 -16.68 -43.98
N SER B 21 -49.63 -17.10 -43.12
CA SER B 21 -49.44 -17.27 -41.66
C SER B 21 -49.35 -18.77 -41.33
N CYS B 22 -48.60 -19.11 -40.29
CA CYS B 22 -48.47 -20.50 -39.74
C CYS B 22 -48.41 -20.42 -38.21
N ALA B 23 -49.58 -20.47 -37.57
CA ALA B 23 -49.75 -20.40 -36.09
C ALA B 23 -49.22 -21.69 -35.46
N ALA B 24 -48.06 -21.63 -34.81
CA ALA B 24 -47.40 -22.75 -34.12
C ALA B 24 -47.85 -22.78 -32.66
N SER B 25 -48.10 -23.97 -32.11
CA SER B 25 -48.67 -24.20 -30.76
C SER B 25 -48.03 -25.42 -30.10
N GLY B 26 -47.95 -25.42 -28.76
CA GLY B 26 -47.46 -26.55 -27.96
C GLY B 26 -45.95 -26.74 -28.09
N TYR B 27 -45.19 -25.68 -27.85
CA TYR B 27 -43.70 -25.66 -27.87
C TYR B 27 -43.16 -25.78 -26.44
N ALA B 28 -42.24 -26.71 -26.21
CA ALA B 28 -41.39 -26.81 -24.99
C ALA B 28 -40.19 -25.87 -25.17
N ASN B 29 -39.55 -25.93 -26.34
CA ASN B 29 -38.44 -25.02 -26.77
C ASN B 29 -38.89 -24.28 -28.04
N SER B 30 -39.11 -22.96 -27.93
CA SER B 30 -39.61 -22.09 -29.03
C SER B 30 -38.46 -21.58 -29.90
N ASN B 31 -37.20 -21.89 -29.52
CA ASN B 31 -35.98 -21.55 -30.30
C ASN B 31 -35.68 -22.69 -31.29
N THR B 32 -36.63 -22.97 -32.18
CA THR B 32 -36.58 -24.06 -33.19
C THR B 32 -36.67 -23.45 -34.59
N CYS B 33 -35.88 -23.95 -35.54
CA CYS B 33 -35.95 -23.55 -36.97
C CYS B 33 -37.35 -23.86 -37.51
N MET B 34 -37.96 -22.88 -38.20
CA MET B 34 -39.19 -23.06 -39.00
C MET B 34 -38.89 -22.65 -40.44
N GLY B 35 -39.64 -23.20 -41.40
CA GLY B 35 -39.46 -22.93 -42.83
C GLY B 35 -40.75 -23.09 -43.61
N TRP B 36 -40.74 -22.66 -44.88
CA TRP B 36 -41.84 -22.85 -45.85
C TRP B 36 -41.36 -23.74 -47.00
N PHE B 37 -42.17 -24.73 -47.37
CA PHE B 37 -41.99 -25.62 -48.54
C PHE B 37 -43.18 -25.46 -49.48
N ARG B 38 -42.96 -25.58 -50.79
CA ARG B 38 -44.02 -25.58 -51.83
C ARG B 38 -43.90 -26.85 -52.66
N GLN B 39 -45.05 -27.44 -53.03
CA GLN B 39 -45.14 -28.69 -53.84
C GLN B 39 -46.01 -28.41 -55.07
N ALA B 40 -45.41 -28.42 -56.26
CA ALA B 40 -46.11 -28.28 -57.56
C ALA B 40 -46.81 -29.61 -57.88
N PRO B 41 -47.84 -29.62 -58.77
CA PRO B 41 -48.51 -30.87 -59.14
C PRO B 41 -47.51 -31.92 -59.66
N GLY B 42 -47.30 -32.99 -58.89
CA GLY B 42 -46.44 -34.14 -59.25
C GLY B 42 -45.07 -34.06 -58.61
N LYS B 43 -44.40 -32.89 -58.75
CA LYS B 43 -43.00 -32.66 -58.28
C LYS B 43 -42.96 -32.67 -56.74
N GLU B 44 -41.77 -32.93 -56.18
CA GLU B 44 -41.53 -33.11 -54.73
C GLU B 44 -41.50 -31.74 -54.03
N ARG B 45 -41.50 -31.74 -52.69
CA ARG B 45 -41.47 -30.53 -51.84
C ARG B 45 -40.06 -29.92 -51.87
N GLU B 46 -39.92 -28.70 -52.39
CA GLU B 46 -38.68 -27.88 -52.34
C GLU B 46 -38.85 -26.81 -51.25
N ARG B 47 -37.76 -26.43 -50.59
CA ARG B 47 -37.73 -25.38 -49.53
C ARG B 47 -37.63 -24.01 -50.21
N VAL B 48 -38.57 -23.10 -49.90
CA VAL B 48 -38.61 -21.71 -50.45
C VAL B 48 -37.84 -20.78 -49.51
N ALA B 49 -38.05 -20.93 -48.19
CA ALA B 49 -37.47 -20.06 -47.15
C ALA B 49 -37.42 -20.79 -45.81
N ALA B 50 -36.59 -20.30 -44.87
CA ALA B 50 -36.38 -20.86 -43.52
C ALA B 50 -35.66 -19.84 -42.63
N ILE B 51 -36.07 -19.76 -41.35
CA ILE B 51 -35.53 -18.80 -40.34
C ILE B 51 -34.91 -19.60 -39.19
N SER B 52 -33.79 -19.11 -38.64
CA SER B 52 -33.02 -19.76 -37.55
C SER B 52 -33.78 -19.64 -36.22
N GLY B 53 -33.67 -20.66 -35.37
CA GLY B 53 -34.29 -20.70 -34.03
C GLY B 53 -33.64 -19.70 -33.08
N VAL B 54 -32.35 -19.44 -33.26
CA VAL B 54 -31.53 -18.51 -32.43
C VAL B 54 -31.02 -17.37 -33.33
N GLY B 55 -31.28 -16.12 -32.93
CA GLY B 55 -30.83 -14.90 -33.63
C GLY B 55 -31.56 -14.70 -34.95
N THR B 56 -31.25 -13.60 -35.65
CA THR B 56 -31.81 -13.25 -36.98
C THR B 56 -30.96 -13.94 -38.07
N GLY B 57 -31.54 -14.95 -38.73
CA GLY B 57 -30.88 -15.73 -39.81
C GLY B 57 -31.90 -16.30 -40.77
N THR B 58 -32.23 -15.56 -41.83
CA THR B 58 -33.17 -15.97 -42.90
C THR B 58 -32.38 -16.58 -44.07
N TYR B 59 -32.89 -17.67 -44.65
CA TYR B 59 -32.29 -18.41 -45.79
C TYR B 59 -33.38 -18.70 -46.82
N TYR B 60 -33.13 -18.36 -48.09
CA TYR B 60 -34.12 -18.42 -49.21
C TYR B 60 -33.57 -19.27 -50.36
N ALA B 61 -34.48 -19.73 -51.23
CA ALA B 61 -34.17 -20.36 -52.53
C ALA B 61 -33.87 -19.26 -53.55
N ASP B 62 -32.97 -19.53 -54.50
CA ASP B 62 -32.55 -18.57 -55.56
C ASP B 62 -33.77 -18.16 -56.40
N SER B 63 -34.73 -19.06 -56.58
CA SER B 63 -35.96 -18.88 -57.40
C SER B 63 -36.84 -17.77 -56.81
N VAL B 64 -36.81 -17.58 -55.49
CA VAL B 64 -37.67 -16.60 -54.75
C VAL B 64 -36.80 -15.59 -53.98
N LYS B 65 -35.49 -15.53 -54.26
CA LYS B 65 -34.54 -14.64 -53.55
C LYS B 65 -34.83 -13.18 -53.92
N GLY B 66 -35.16 -12.35 -52.92
CA GLY B 66 -35.46 -10.92 -53.10
C GLY B 66 -36.96 -10.65 -53.15
N ARG B 67 -37.73 -11.53 -53.81
CA ARG B 67 -39.20 -11.40 -54.02
C ARG B 67 -39.94 -11.86 -52.77
N PHE B 68 -39.47 -12.94 -52.13
CA PHE B 68 -40.06 -13.54 -50.89
C PHE B 68 -39.28 -13.05 -49.67
N THR B 69 -39.95 -13.03 -48.51
CA THR B 69 -39.36 -12.70 -47.18
C THR B 69 -40.04 -13.56 -46.11
N ILE B 70 -39.26 -14.15 -45.21
CA ILE B 70 -39.74 -14.96 -44.06
C ILE B 70 -39.46 -14.17 -42.77
N SER B 71 -40.43 -14.13 -41.86
CA SER B 71 -40.38 -13.32 -40.62
C SER B 71 -41.13 -14.03 -39.48
N ARG B 72 -40.80 -13.67 -38.24
CA ARG B 72 -41.42 -14.18 -36.99
C ARG B 72 -41.88 -12.99 -36.14
N ASP B 73 -43.03 -13.13 -35.47
CA ASP B 73 -43.53 -12.13 -34.48
C ASP B 73 -42.68 -12.24 -33.21
N ASN B 74 -42.84 -11.27 -32.30
CA ASN B 74 -42.00 -11.11 -31.07
C ASN B 74 -42.05 -12.39 -30.23
N GLY B 75 -43.26 -12.96 -30.06
CA GLY B 75 -43.50 -14.14 -29.20
C GLY B 75 -43.02 -15.44 -29.83
N LYS B 76 -42.74 -15.44 -31.14
CA LYS B 76 -42.31 -16.63 -31.93
C LYS B 76 -43.46 -17.65 -32.01
N ASN B 77 -44.71 -17.17 -31.90
CA ASN B 77 -45.95 -18.01 -31.94
C ASN B 77 -46.37 -18.23 -33.40
N THR B 78 -46.29 -17.18 -34.22
CA THR B 78 -46.76 -17.15 -35.64
C THR B 78 -45.57 -16.95 -36.58
N LEU B 79 -45.45 -17.79 -37.61
CA LEU B 79 -44.46 -17.67 -38.71
C LEU B 79 -45.18 -17.13 -39.96
N PHE B 80 -44.57 -16.14 -40.62
CA PHE B 80 -45.13 -15.44 -41.81
C PHE B 80 -44.23 -15.68 -43.03
N LEU B 81 -44.83 -15.66 -44.23
CA LEU B 81 -44.10 -15.64 -45.52
C LEU B 81 -44.64 -14.48 -46.37
N GLN B 82 -43.91 -13.35 -46.38
CA GLN B 82 -44.21 -12.17 -47.22
C GLN B 82 -43.88 -12.51 -48.68
N MET B 83 -44.91 -12.71 -49.51
CA MET B 83 -44.76 -13.05 -50.96
C MET B 83 -45.09 -11.82 -51.81
N ASN B 84 -44.09 -11.31 -52.55
CA ASN B 84 -44.24 -10.16 -53.48
C ASN B 84 -43.82 -10.60 -54.89
N SER B 85 -44.27 -9.88 -55.91
CA SER B 85 -43.94 -10.09 -57.34
C SER B 85 -44.22 -11.56 -57.72
N LEU B 86 -45.41 -12.05 -57.39
CA LEU B 86 -45.82 -13.47 -57.61
C LEU B 86 -45.87 -13.76 -59.12
N LYS B 87 -45.15 -14.80 -59.56
CA LYS B 87 -45.08 -15.26 -60.97
C LYS B 87 -45.89 -16.54 -61.10
N PRO B 88 -46.32 -16.92 -62.34
CA PRO B 88 -47.07 -18.16 -62.54
C PRO B 88 -46.36 -19.41 -61.98
N GLU B 89 -45.03 -19.43 -62.01
CA GLU B 89 -44.18 -20.56 -61.54
C GLU B 89 -44.32 -20.76 -60.02
N ASP B 90 -44.72 -19.71 -59.28
CA ASP B 90 -44.90 -19.75 -57.81
C ASP B 90 -46.15 -20.54 -57.43
N THR B 91 -47.07 -20.77 -58.39
CA THR B 91 -48.31 -21.58 -58.22
C THR B 91 -47.92 -22.97 -57.67
N ALA B 92 -48.31 -23.27 -56.42
CA ALA B 92 -48.03 -24.55 -55.74
C ALA B 92 -48.81 -24.65 -54.43
N MET B 93 -48.75 -25.82 -53.77
CA MET B 93 -49.32 -26.09 -52.43
C MET B 93 -48.23 -25.82 -51.39
N TYR B 94 -48.40 -24.73 -50.61
CA TYR B 94 -47.39 -24.23 -49.63
C TYR B 94 -47.65 -24.86 -48.25
N TYR B 95 -46.59 -25.44 -47.66
CA TYR B 95 -46.58 -26.06 -46.32
C TYR B 95 -45.58 -25.34 -45.41
N CYS B 96 -45.98 -25.05 -44.16
CA CYS B 96 -45.11 -24.51 -43.10
CA CYS B 96 -45.11 -24.51 -43.10
C CYS B 96 -44.59 -25.67 -42.24
N ALA B 97 -43.27 -25.80 -42.12
CA ALA B 97 -42.58 -26.91 -41.42
C ALA B 97 -41.77 -26.36 -40.23
N ALA B 98 -41.39 -27.25 -39.31
CA ALA B 98 -40.55 -26.97 -38.12
C ALA B 98 -39.58 -28.13 -37.88
N ALA B 99 -38.33 -27.81 -37.55
CA ALA B 99 -37.26 -28.77 -37.21
C ALA B 99 -37.56 -29.42 -35.86
N PRO B 100 -36.85 -30.49 -35.45
CA PRO B 100 -37.03 -31.07 -34.12
C PRO B 100 -36.85 -30.02 -33.02
N GLU B 101 -37.74 -29.99 -32.03
CA GLU B 101 -37.72 -29.02 -30.90
C GLU B 101 -36.28 -28.88 -30.40
N GLY B 102 -35.74 -27.66 -30.42
CA GLY B 102 -34.38 -27.33 -29.96
C GLY B 102 -33.42 -27.09 -31.12
N ARG B 103 -33.63 -27.76 -32.25
CA ARG B 103 -32.80 -27.62 -33.48
C ARG B 103 -33.01 -26.21 -34.05
N ALA B 104 -32.04 -25.32 -33.84
CA ALA B 104 -32.09 -23.90 -34.26
C ALA B 104 -31.69 -23.78 -35.73
N TRP B 105 -30.66 -24.52 -36.16
CA TRP B 105 -30.15 -24.50 -37.56
C TRP B 105 -31.14 -25.23 -38.47
N CYS B 106 -31.18 -24.83 -39.75
CA CYS B 106 -32.25 -25.18 -40.73
C CYS B 106 -31.72 -26.16 -41.79
N SER B 107 -32.37 -27.31 -41.93
CA SER B 107 -32.11 -28.32 -43.00
C SER B 107 -32.60 -27.76 -44.34
N ARG B 108 -31.93 -28.12 -45.44
CA ARG B 108 -32.33 -27.74 -46.82
C ARG B 108 -33.35 -28.77 -47.36
N ASP B 109 -33.13 -30.05 -47.06
CA ASP B 109 -34.02 -31.18 -47.44
C ASP B 109 -35.21 -31.21 -46.49
N PRO B 110 -36.44 -31.56 -46.95
CA PRO B 110 -37.61 -31.65 -46.08
C PRO B 110 -37.58 -32.82 -45.09
N SER B 111 -36.63 -33.75 -45.26
CA SER B 111 -36.43 -34.92 -44.35
C SER B 111 -35.97 -34.46 -42.96
N GLY B 112 -35.37 -33.26 -42.86
CA GLY B 112 -34.86 -32.68 -41.61
C GLY B 112 -35.87 -31.79 -40.90
N TYR B 113 -37.17 -32.01 -41.15
CA TYR B 113 -38.30 -31.31 -40.47
C TYR B 113 -39.30 -32.38 -39.98
N ASN B 114 -39.64 -32.36 -38.69
CA ASN B 114 -40.47 -33.39 -38.02
C ASN B 114 -41.95 -32.98 -38.05
N TYR B 115 -42.25 -31.71 -37.76
CA TYR B 115 -43.63 -31.15 -37.66
C TYR B 115 -43.97 -30.42 -38.95
N TRP B 116 -45.16 -30.71 -39.51
CA TRP B 116 -45.71 -30.12 -40.76
C TRP B 116 -47.15 -29.63 -40.52
N GLY B 117 -47.58 -28.63 -41.29
CA GLY B 117 -48.97 -28.14 -41.33
C GLY B 117 -49.76 -28.82 -42.43
N GLN B 118 -51.10 -28.78 -42.34
CA GLN B 118 -52.03 -29.48 -43.28
C GLN B 118 -51.79 -28.98 -44.71
N GLY B 119 -51.41 -27.72 -44.88
CA GLY B 119 -51.06 -27.11 -46.18
C GLY B 119 -52.08 -26.06 -46.60
N THR B 120 -51.70 -25.19 -47.54
CA THR B 120 -52.55 -24.09 -48.08
C THR B 120 -52.18 -23.83 -49.54
N GLN B 121 -53.19 -23.70 -50.41
CA GLN B 121 -53.03 -23.55 -51.89
C GLN B 121 -52.80 -22.07 -52.23
N VAL B 122 -51.87 -21.79 -53.14
CA VAL B 122 -51.57 -20.42 -53.67
C VAL B 122 -51.49 -20.51 -55.19
N THR B 123 -52.47 -19.91 -55.88
CA THR B 123 -52.58 -19.87 -57.37
C THR B 123 -52.21 -18.48 -57.87
N VAL B 124 -51.48 -18.40 -58.99
CA VAL B 124 -51.01 -17.13 -59.62
C VAL B 124 -51.36 -17.16 -61.11
N SER B 125 -52.20 -16.24 -61.56
CA SER B 125 -52.62 -16.06 -62.98
C SER B 125 -51.51 -15.37 -63.77
N MET C 2 -9.41 -16.41 4.27
CA MET C 2 -10.90 -16.28 4.39
C MET C 2 -11.54 -16.43 3.00
N HIS C 3 -12.71 -17.07 2.94
CA HIS C 3 -13.49 -17.32 1.70
C HIS C 3 -14.37 -16.09 1.40
N VAL C 4 -14.24 -15.54 0.19
CA VAL C 4 -15.03 -14.38 -0.31
C VAL C 4 -15.62 -14.74 -1.67
N ALA C 5 -16.97 -14.75 -1.76
CA ALA C 5 -17.73 -15.09 -2.97
C ALA C 5 -18.34 -13.81 -3.57
N GLN C 6 -18.38 -13.72 -4.90
CA GLN C 6 -18.99 -12.59 -5.66
C GLN C 6 -19.31 -13.06 -7.08
N PRO C 7 -20.29 -12.42 -7.77
CA PRO C 7 -20.62 -12.77 -9.16
C PRO C 7 -19.41 -12.76 -10.09
N ALA C 8 -19.33 -13.72 -11.01
CA ALA C 8 -18.24 -13.89 -11.99
C ALA C 8 -18.29 -12.76 -13.03
N VAL C 9 -19.50 -12.41 -13.50
CA VAL C 9 -19.74 -11.35 -14.51
C VAL C 9 -20.99 -10.56 -14.12
N VAL C 10 -21.00 -9.25 -14.42
CA VAL C 10 -22.17 -8.33 -14.27
C VAL C 10 -22.13 -7.33 -15.42
N LEU C 11 -23.28 -7.07 -16.05
CA LEU C 11 -23.44 -6.07 -17.14
C LEU C 11 -23.86 -4.73 -16.53
N ALA C 12 -23.19 -3.65 -16.94
CA ALA C 12 -23.50 -2.25 -16.53
C ALA C 12 -24.63 -1.73 -17.42
N SER C 13 -25.60 -1.02 -16.82
CA SER C 13 -26.77 -0.41 -17.50
C SER C 13 -26.30 0.68 -18.48
N SER C 14 -27.21 1.19 -19.31
CA SER C 14 -26.97 2.25 -20.33
C SER C 14 -26.44 3.52 -19.64
N ARG C 15 -26.99 3.85 -18.46
CA ARG C 15 -26.58 5.02 -17.64
C ARG C 15 -25.15 4.81 -17.12
N GLY C 16 -24.77 3.56 -16.85
CA GLY C 16 -23.41 3.17 -16.40
C GLY C 16 -23.37 2.83 -14.93
N ILE C 17 -24.37 2.08 -14.44
CA ILE C 17 -24.48 1.59 -13.03
C ILE C 17 -24.35 0.06 -13.05
N ALA C 18 -23.54 -0.51 -12.15
CA ALA C 18 -23.28 -1.96 -12.02
C ALA C 18 -23.22 -2.35 -10.54
N SER C 19 -24.26 -3.05 -10.05
CA SER C 19 -24.38 -3.57 -8.67
C SER C 19 -23.93 -5.03 -8.63
N PHE C 20 -23.35 -5.47 -7.51
CA PHE C 20 -22.93 -6.88 -7.26
C PHE C 20 -22.73 -7.12 -5.76
N VAL C 21 -23.19 -8.28 -5.28
CA VAL C 21 -23.04 -8.72 -3.86
C VAL C 21 -21.61 -9.21 -3.63
N CYS C 22 -21.15 -9.19 -2.38
CA CYS C 22 -19.80 -9.64 -1.95
C CYS C 22 -19.89 -10.22 -0.53
N GLU C 23 -20.27 -11.49 -0.41
CA GLU C 23 -20.45 -12.20 0.89
C GLU C 23 -19.12 -12.83 1.30
N TYR C 24 -18.88 -12.94 2.61
CA TYR C 24 -17.64 -13.48 3.23
C TYR C 24 -18.00 -14.34 4.44
N ALA C 25 -17.30 -15.48 4.59
CA ALA C 25 -17.50 -16.45 5.69
C ALA C 25 -16.71 -15.98 6.92
N SER C 26 -17.31 -15.09 7.73
CA SER C 26 -16.71 -14.49 8.95
C SER C 26 -16.43 -15.59 9.97
N PRO C 27 -15.15 -15.96 10.24
CA PRO C 27 -14.83 -16.99 11.21
C PRO C 27 -15.17 -16.57 12.65
N GLY C 28 -14.68 -15.40 13.07
CA GLY C 28 -14.91 -14.83 14.41
C GLY C 28 -16.08 -13.86 14.42
N LYS C 29 -16.50 -13.42 15.60
CA LYS C 29 -17.58 -12.43 15.82
C LYS C 29 -17.01 -11.01 15.59
N ALA C 30 -16.76 -10.66 14.33
CA ALA C 30 -16.16 -9.37 13.90
C ALA C 30 -17.18 -8.24 14.10
N THR C 31 -16.71 -7.06 14.54
CA THR C 31 -17.54 -5.84 14.73
C THR C 31 -17.23 -4.84 13.62
N GLU C 32 -15.94 -4.59 13.33
CA GLU C 32 -15.49 -3.72 12.21
C GLU C 32 -14.99 -4.59 11.06
N VAL C 33 -15.53 -4.36 9.85
CA VAL C 33 -15.10 -5.00 8.57
C VAL C 33 -14.87 -3.89 7.55
N ARG C 34 -13.77 -3.95 6.78
CA ARG C 34 -13.44 -2.97 5.72
C ARG C 34 -13.48 -3.65 4.35
N VAL C 35 -14.50 -3.32 3.55
CA VAL C 35 -14.67 -3.79 2.14
C VAL C 35 -13.98 -2.78 1.22
N THR C 36 -13.04 -3.25 0.39
CA THR C 36 -12.26 -2.43 -0.57
C THR C 36 -12.43 -3.03 -1.98
N VAL C 37 -12.79 -2.19 -2.95
CA VAL C 37 -12.97 -2.57 -4.38
C VAL C 37 -11.68 -2.28 -5.14
N LEU C 38 -10.96 -3.33 -5.57
CA LEU C 38 -9.73 -3.23 -6.39
C LEU C 38 -10.06 -3.57 -7.84
N ARG C 39 -9.81 -2.64 -8.77
CA ARG C 39 -9.97 -2.85 -10.23
C ARG C 39 -8.60 -3.28 -10.80
N GLN C 40 -8.52 -4.52 -11.31
CA GLN C 40 -7.31 -5.09 -11.95
C GLN C 40 -7.51 -5.13 -13.46
N ALA C 41 -6.61 -4.50 -14.22
CA ALA C 41 -6.63 -4.40 -15.70
C ALA C 41 -5.29 -3.86 -16.19
N ASP C 42 -4.75 -4.43 -17.28
CA ASP C 42 -3.47 -4.03 -17.93
C ASP C 42 -2.31 -4.22 -16.93
N SER C 43 -2.37 -5.28 -16.13
CA SER C 43 -1.32 -5.71 -15.16
C SER C 43 -1.00 -4.57 -14.17
N GLN C 44 -2.05 -3.93 -13.63
CA GLN C 44 -1.94 -2.88 -12.57
C GLN C 44 -3.23 -2.84 -11.75
N VAL C 45 -3.10 -2.68 -10.43
CA VAL C 45 -4.24 -2.65 -9.46
C VAL C 45 -4.60 -1.19 -9.17
N THR C 46 -5.90 -0.89 -9.10
CA THR C 46 -6.48 0.45 -8.85
C THR C 46 -7.54 0.35 -7.74
N GLU C 47 -7.30 1.01 -6.60
CA GLU C 47 -8.23 1.07 -5.44
C GLU C 47 -9.39 1.99 -5.82
N VAL C 48 -10.53 1.41 -6.23
CA VAL C 48 -11.73 2.14 -6.75
C VAL C 48 -12.38 2.90 -5.58
N CYS C 49 -12.57 2.23 -4.45
CA CYS C 49 -13.25 2.77 -3.25
C CYS C 49 -13.00 1.86 -2.04
N ALA C 50 -13.38 2.32 -0.85
CA ALA C 50 -13.25 1.60 0.43
C ALA C 50 -14.41 1.98 1.36
N ALA C 51 -15.05 0.98 1.97
CA ALA C 51 -16.19 1.14 2.91
C ALA C 51 -15.84 0.44 4.23
N THR C 52 -16.31 1.01 5.36
CA THR C 52 -16.22 0.42 6.71
C THR C 52 -17.61 -0.01 7.19
N TYR C 53 -17.85 -1.32 7.19
CA TYR C 53 -19.08 -1.96 7.73
C TYR C 53 -18.86 -2.26 9.22
N MET C 54 -19.61 -1.57 10.08
CA MET C 54 -19.67 -1.85 11.54
C MET C 54 -20.89 -2.72 11.83
N MET C 55 -20.68 -3.89 12.45
CA MET C 55 -21.76 -4.83 12.87
C MET C 55 -22.82 -4.05 13.66
N GLY C 56 -24.07 -4.11 13.19
CA GLY C 56 -25.23 -3.47 13.84
C GLY C 56 -25.49 -2.06 13.32
N ASN C 57 -24.70 -1.61 12.34
CA ASN C 57 -24.77 -0.23 11.79
C ASN C 57 -24.68 -0.27 10.26
N GLU C 58 -25.04 0.83 9.61
CA GLU C 58 -25.09 0.98 8.13
C GLU C 58 -23.67 1.12 7.59
N LEU C 59 -23.46 0.76 6.32
CA LEU C 59 -22.16 0.86 5.61
C LEU C 59 -21.83 2.33 5.36
N THR C 60 -20.57 2.72 5.60
CA THR C 60 -20.01 4.07 5.38
C THR C 60 -18.80 3.96 4.45
N PHE C 61 -18.77 4.75 3.37
CA PHE C 61 -17.65 4.81 2.38
C PHE C 61 -16.69 5.95 2.77
N LEU C 62 -15.39 5.71 2.60
CA LEU C 62 -14.32 6.69 2.94
C LEU C 62 -14.40 7.87 1.96
N ASP C 63 -14.85 9.03 2.45
CA ASP C 63 -14.96 10.31 1.71
C ASP C 63 -15.67 10.05 0.37
N ASP C 64 -15.25 10.74 -0.70
CA ASP C 64 -15.98 10.77 -2.01
C ASP C 64 -15.46 9.65 -2.92
N SER C 65 -16.37 8.82 -3.43
CA SER C 65 -16.09 7.70 -4.37
C SER C 65 -17.30 7.48 -5.30
N ILE C 66 -17.11 6.68 -6.36
CA ILE C 66 -18.17 6.29 -7.32
C ILE C 66 -19.02 5.16 -6.72
N CYS C 67 -18.58 4.56 -5.61
CA CYS C 67 -19.24 3.41 -4.94
C CYS C 67 -20.31 3.89 -3.96
N THR C 68 -21.47 3.22 -3.97
CA THR C 68 -22.53 3.28 -2.93
C THR C 68 -22.94 1.83 -2.61
N GLY C 69 -23.72 1.62 -1.56
CA GLY C 69 -24.20 0.27 -1.18
C GLY C 69 -24.75 0.23 0.23
N THR C 70 -25.31 -0.91 0.62
CA THR C 70 -25.88 -1.20 1.97
C THR C 70 -25.47 -2.61 2.40
N SER C 71 -25.11 -2.77 3.68
CA SER C 71 -24.70 -4.06 4.30
C SER C 71 -25.93 -4.84 4.75
N SER C 72 -25.78 -6.16 4.93
CA SER C 72 -26.85 -7.08 5.39
C SER C 72 -26.23 -8.35 5.99
N GLY C 73 -26.01 -8.36 7.31
CA GLY C 73 -25.47 -9.51 8.06
C GLY C 73 -23.97 -9.68 7.83
N ASN C 74 -23.59 -10.66 7.02
CA ASN C 74 -22.17 -10.98 6.68
C ASN C 74 -21.99 -10.92 5.15
N GLN C 75 -22.56 -9.88 4.52
CA GLN C 75 -22.42 -9.61 3.06
C GLN C 75 -22.79 -8.15 2.77
N VAL C 76 -22.30 -7.62 1.66
CA VAL C 76 -22.49 -6.19 1.24
C VAL C 76 -22.94 -6.16 -0.22
N ASN C 77 -23.90 -5.28 -0.54
CA ASN C 77 -24.42 -5.05 -1.92
C ASN C 77 -23.81 -3.74 -2.44
N LEU C 78 -22.67 -3.84 -3.13
CA LEU C 78 -21.90 -2.69 -3.69
C LEU C 78 -22.58 -2.22 -4.99
N THR C 79 -22.55 -0.90 -5.24
CA THR C 79 -23.14 -0.23 -6.43
C THR C 79 -22.15 0.80 -6.98
N ILE C 80 -21.46 0.46 -8.08
CA ILE C 80 -20.50 1.35 -8.79
C ILE C 80 -21.28 2.15 -9.85
N GLN C 81 -21.11 3.48 -9.86
CA GLN C 81 -21.89 4.43 -10.71
C GLN C 81 -20.96 5.13 -11.70
N GLY C 82 -21.55 5.75 -12.73
CA GLY C 82 -20.87 6.60 -13.73
C GLY C 82 -19.72 5.88 -14.43
N LEU C 83 -19.94 4.63 -14.84
CA LEU C 83 -18.95 3.79 -15.57
C LEU C 83 -19.05 4.07 -17.07
N ARG C 84 -17.93 3.93 -17.80
CA ARG C 84 -17.85 4.06 -19.28
C ARG C 84 -17.11 2.86 -19.85
N ALA C 85 -16.95 2.80 -21.17
CA ALA C 85 -16.37 1.65 -21.92
C ALA C 85 -14.95 1.34 -21.43
N MET C 86 -14.14 2.38 -21.20
CA MET C 86 -12.69 2.25 -20.85
C MET C 86 -12.52 1.69 -19.43
N ASP C 87 -13.56 1.80 -18.58
CA ASP C 87 -13.53 1.34 -17.15
C ASP C 87 -13.68 -0.19 -17.09
N THR C 88 -14.16 -0.83 -18.16
CA THR C 88 -14.35 -2.30 -18.27
C THR C 88 -13.09 -3.02 -17.77
N GLY C 89 -13.21 -3.80 -16.69
CA GLY C 89 -12.11 -4.56 -16.07
C GLY C 89 -12.61 -5.52 -15.01
N LEU C 90 -11.68 -6.18 -14.30
CA LEU C 90 -11.97 -7.13 -13.21
C LEU C 90 -12.01 -6.38 -11.87
N TYR C 91 -13.20 -6.28 -11.26
CA TYR C 91 -13.44 -5.55 -9.99
C TYR C 91 -13.38 -6.54 -8.82
N ILE C 92 -12.18 -6.71 -8.26
CA ILE C 92 -11.86 -7.62 -7.12
C ILE C 92 -12.39 -6.98 -5.82
N CYS C 93 -12.95 -7.80 -4.94
CA CYS C 93 -13.62 -7.39 -3.67
C CYS C 93 -12.80 -7.89 -2.48
N LYS C 94 -11.94 -7.02 -1.92
CA LYS C 94 -11.08 -7.30 -0.75
C LYS C 94 -11.88 -7.04 0.53
N VAL C 95 -11.94 -8.03 1.44
CA VAL C 95 -12.61 -7.94 2.76
C VAL C 95 -11.55 -8.14 3.85
N GLU C 96 -11.62 -7.32 4.91
CA GLU C 96 -10.67 -7.34 6.06
C GLU C 96 -11.47 -7.21 7.38
N LEU C 97 -11.30 -8.17 8.29
CA LEU C 97 -11.88 -8.11 9.65
C LEU C 97 -10.90 -7.37 10.56
N MET C 98 -11.12 -6.07 10.77
CA MET C 98 -10.15 -5.13 11.39
C MET C 98 -10.24 -5.20 12.92
N TYR C 99 -11.43 -5.46 13.47
CA TYR C 99 -11.70 -5.45 14.94
C TYR C 99 -12.88 -6.36 15.26
N PRO C 100 -12.85 -7.11 16.40
CA PRO C 100 -11.67 -7.23 17.24
C PRO C 100 -10.67 -8.23 16.65
N PRO C 101 -9.46 -8.37 17.25
CA PRO C 101 -8.50 -9.38 16.81
C PRO C 101 -9.05 -10.80 16.92
N PRO C 102 -8.53 -11.78 16.14
CA PRO C 102 -7.39 -11.56 15.24
C PRO C 102 -7.80 -11.02 13.86
N TYR C 103 -6.82 -10.52 13.10
CA TYR C 103 -6.99 -9.94 11.75
C TYR C 103 -7.17 -11.07 10.73
N TYR C 104 -8.18 -10.96 9.87
CA TYR C 104 -8.48 -11.88 8.74
C TYR C 104 -8.53 -11.09 7.42
N LEU C 105 -7.91 -11.62 6.37
CA LEU C 105 -7.93 -11.05 4.99
C LEU C 105 -8.65 -12.02 4.05
N GLY C 106 -9.56 -11.50 3.22
CA GLY C 106 -10.26 -12.26 2.16
C GLY C 106 -10.29 -11.48 0.86
N ILE C 107 -9.82 -12.09 -0.23
CA ILE C 107 -9.79 -11.51 -1.61
C ILE C 107 -10.51 -12.47 -2.56
N GLY C 108 -11.65 -12.04 -3.12
CA GLY C 108 -12.44 -12.82 -4.09
C GLY C 108 -11.78 -12.87 -5.46
N ASN C 109 -12.22 -13.79 -6.32
CA ASN C 109 -11.67 -14.01 -7.69
C ASN C 109 -11.93 -12.76 -8.55
N GLY C 110 -13.02 -12.04 -8.28
CA GLY C 110 -13.33 -10.72 -8.88
C GLY C 110 -14.53 -10.79 -9.80
N THR C 111 -15.26 -9.68 -9.90
CA THR C 111 -16.44 -9.48 -10.81
C THR C 111 -15.97 -8.72 -12.05
N GLN C 112 -16.01 -9.37 -13.22
CA GLN C 112 -15.67 -8.75 -14.54
C GLN C 112 -16.85 -7.91 -14.99
N ILE C 113 -16.84 -6.61 -14.67
CA ILE C 113 -17.92 -5.64 -15.02
C ILE C 113 -17.69 -5.15 -16.46
N TYR C 114 -18.59 -5.50 -17.38
CA TYR C 114 -18.58 -5.10 -18.81
C TYR C 114 -19.46 -3.85 -18.98
N VAL C 115 -18.93 -2.83 -19.67
CA VAL C 115 -19.57 -1.51 -19.90
C VAL C 115 -19.42 -1.14 -21.38
N ILE C 116 -20.43 -0.51 -21.97
CA ILE C 116 -20.39 0.04 -23.36
C ILE C 116 -21.09 1.41 -23.37
N ASP C 117 -20.63 2.33 -24.21
CA ASP C 117 -21.12 3.74 -24.29
C ASP C 117 -22.34 3.79 -25.21
N PRO C 118 -23.49 4.35 -24.75
CA PRO C 118 -24.64 4.60 -25.62
C PRO C 118 -24.36 5.66 -26.72
N GLU C 119 -25.39 6.01 -27.49
CA GLU C 119 -25.33 7.02 -28.59
C GLU C 119 -26.28 8.17 -28.25
N GLN D 1 8.89 9.07 -10.17
CA GLN D 1 7.79 9.58 -9.28
C GLN D 1 6.87 10.51 -10.08
N VAL D 2 5.67 10.76 -9.56
CA VAL D 2 4.66 11.67 -10.17
C VAL D 2 5.08 13.11 -9.86
N GLN D 3 4.93 14.01 -10.85
CA GLN D 3 5.25 15.47 -10.74
C GLN D 3 4.15 16.29 -11.42
N LEU D 4 3.59 17.26 -10.69
CA LEU D 4 2.48 18.15 -11.15
C LEU D 4 2.99 19.58 -11.27
N GLN D 5 2.59 20.29 -12.33
CA GLN D 5 2.95 21.71 -12.60
C GLN D 5 1.72 22.47 -13.10
N GLU D 6 1.31 23.53 -12.39
CA GLU D 6 0.12 24.35 -12.71
C GLU D 6 0.45 25.36 -13.81
N SER D 7 -0.59 26.01 -14.36
CA SER D 7 -0.50 27.11 -15.36
C SER D 7 -1.90 27.72 -15.55
N GLY D 8 -1.98 28.82 -16.30
CA GLY D 8 -3.25 29.47 -16.71
C GLY D 8 -3.86 30.32 -15.60
N GLY D 9 -3.12 30.53 -14.50
CA GLY D 9 -3.55 31.41 -13.39
C GLY D 9 -3.25 32.86 -13.67
N GLY D 10 -3.91 33.79 -12.97
CA GLY D 10 -3.71 35.24 -13.11
C GLY D 10 -4.81 36.04 -12.45
N SER D 11 -4.70 37.37 -12.49
CA SER D 11 -5.67 38.34 -11.93
C SER D 11 -6.74 38.65 -12.99
N VAL D 12 -8.01 38.73 -12.57
CA VAL D 12 -9.18 39.05 -13.44
C VAL D 12 -10.19 39.89 -12.63
N GLN D 13 -11.20 40.45 -13.31
CA GLN D 13 -12.27 41.27 -12.69
C GLN D 13 -13.38 40.35 -12.18
N ALA D 14 -14.17 40.84 -11.21
CA ALA D 14 -15.28 40.10 -10.56
C ALA D 14 -16.36 39.76 -11.60
N GLY D 15 -16.88 38.53 -11.53
CA GLY D 15 -17.86 37.99 -12.49
C GLY D 15 -17.19 37.45 -13.75
N GLY D 16 -15.85 37.42 -13.76
CA GLY D 16 -15.04 36.98 -14.92
C GLY D 16 -14.92 35.47 -14.99
N SER D 17 -13.92 34.97 -15.72
CA SER D 17 -13.70 33.51 -15.97
C SER D 17 -12.21 33.22 -16.15
N LEU D 18 -11.76 32.07 -15.64
CA LEU D 18 -10.37 31.53 -15.77
C LEU D 18 -10.44 30.02 -15.94
N THR D 19 -9.39 29.44 -16.53
CA THR D 19 -9.20 27.97 -16.71
C THR D 19 -7.77 27.61 -16.28
N LEU D 20 -7.65 26.86 -15.19
CA LEU D 20 -6.35 26.43 -14.59
C LEU D 20 -5.98 25.06 -15.16
N SER D 21 -4.75 24.89 -15.62
CA SER D 21 -4.18 23.61 -16.13
C SER D 21 -3.20 23.04 -15.09
N CYS D 22 -3.12 21.72 -15.01
CA CYS D 22 -2.18 20.97 -14.12
C CYS D 22 -1.63 19.76 -14.88
N ALA D 23 -0.53 19.96 -15.62
CA ALA D 23 0.14 18.93 -16.46
C ALA D 23 0.82 17.90 -15.55
N ALA D 24 0.23 16.71 -15.44
CA ALA D 24 0.74 15.58 -14.61
C ALA D 24 1.64 14.69 -15.47
N SER D 25 2.77 14.23 -14.91
CA SER D 25 3.84 13.49 -15.61
C SER D 25 4.40 12.39 -14.69
N GLY D 26 4.88 11.29 -15.28
CA GLY D 26 5.55 10.18 -14.58
C GLY D 26 4.59 9.34 -13.77
N TYR D 27 3.51 8.87 -14.40
CA TYR D 27 2.48 7.99 -13.79
C TYR D 27 2.74 6.53 -14.16
N ALA D 28 2.77 5.64 -13.16
CA ALA D 28 2.74 4.17 -13.32
C ALA D 28 1.28 3.72 -13.47
N ASN D 29 0.40 4.26 -12.61
CA ASN D 29 -1.08 4.09 -12.67
C ASN D 29 -1.72 5.47 -12.82
N SER D 30 -2.31 5.74 -14.00
CA SER D 30 -2.94 7.04 -14.37
C SER D 30 -4.37 7.13 -13.80
N ASN D 31 -4.93 6.01 -13.34
CA ASN D 31 -6.29 5.94 -12.72
C ASN D 31 -6.18 6.34 -11.25
N THR D 32 -5.77 7.58 -10.99
CA THR D 32 -5.54 8.16 -9.64
C THR D 32 -6.42 9.40 -9.46
N CYS D 33 -7.00 9.59 -8.27
CA CYS D 33 -7.78 10.80 -7.91
C CYS D 33 -6.87 12.03 -7.96
N MET D 34 -7.29 13.06 -8.70
CA MET D 34 -6.68 14.42 -8.69
C MET D 34 -7.72 15.41 -8.15
N GLY D 35 -7.25 16.52 -7.58
CA GLY D 35 -8.12 17.58 -7.01
C GLY D 35 -7.43 18.92 -6.96
N TRP D 36 -8.22 20.00 -6.82
CA TRP D 36 -7.73 21.39 -6.66
C TRP D 36 -7.99 21.85 -5.22
N PHE D 37 -7.00 22.49 -4.61
CA PHE D 37 -7.07 23.14 -3.28
C PHE D 37 -6.69 24.62 -3.42
N ARG D 38 -7.33 25.49 -2.64
CA ARG D 38 -7.01 26.94 -2.58
C ARG D 38 -6.64 27.31 -1.14
N GLN D 39 -5.67 28.22 -0.98
CA GLN D 39 -5.17 28.70 0.34
C GLN D 39 -5.21 30.23 0.36
N ALA D 40 -6.12 30.81 1.14
CA ALA D 40 -6.24 32.27 1.38
C ALA D 40 -5.09 32.72 2.28
N PRO D 41 -4.76 34.03 2.31
CA PRO D 41 -3.70 34.53 3.19
C PRO D 41 -3.96 34.14 4.65
N GLY D 42 -3.12 33.25 5.21
CA GLY D 42 -3.16 32.82 6.62
C GLY D 42 -3.91 31.51 6.81
N LYS D 43 -5.12 31.40 6.24
CA LYS D 43 -6.04 30.23 6.40
C LYS D 43 -5.44 28.99 5.71
N GLU D 44 -5.88 27.81 6.14
CA GLU D 44 -5.36 26.49 5.69
C GLU D 44 -5.93 26.15 4.29
N ARG D 45 -5.36 25.12 3.65
CA ARG D 45 -5.78 24.63 2.31
C ARG D 45 -7.13 23.91 2.43
N GLU D 46 -8.17 24.43 1.76
CA GLU D 46 -9.50 23.78 1.62
C GLU D 46 -9.60 23.21 0.20
N ARG D 47 -10.29 22.07 0.03
CA ARG D 47 -10.52 21.39 -1.27
C ARG D 47 -11.70 22.06 -1.98
N VAL D 48 -11.48 22.56 -3.20
CA VAL D 48 -12.52 23.24 -4.04
C VAL D 48 -13.22 22.17 -4.89
N ALA D 49 -12.46 21.26 -5.50
CA ALA D 49 -12.96 20.23 -6.44
C ALA D 49 -12.01 19.03 -6.47
N ALA D 50 -12.47 17.89 -7.01
CA ALA D 50 -11.73 16.62 -7.13
C ALA D 50 -12.48 15.67 -8.06
N ILE D 51 -11.74 14.89 -8.86
CA ILE D 51 -12.29 13.94 -9.88
C ILE D 51 -11.77 12.52 -9.59
N SER D 52 -12.64 11.52 -9.74
CA SER D 52 -12.34 10.09 -9.47
C SER D 52 -11.33 9.56 -10.50
N GLY D 53 -10.47 8.63 -10.06
CA GLY D 53 -9.47 7.96 -10.91
C GLY D 53 -10.10 6.94 -11.84
N VAL D 54 -11.26 6.40 -11.46
CA VAL D 54 -12.04 5.40 -12.24
C VAL D 54 -13.45 5.98 -12.50
N GLY D 55 -13.88 5.99 -13.77
CA GLY D 55 -15.20 6.48 -14.20
C GLY D 55 -15.35 7.98 -14.02
N THR D 56 -16.49 8.54 -14.42
CA THR D 56 -16.85 9.97 -14.25
C THR D 56 -17.43 10.16 -12.84
N GLY D 57 -16.71 10.89 -11.99
CA GLY D 57 -17.11 11.22 -10.61
C GLY D 57 -16.46 12.49 -10.12
N THR D 58 -17.13 13.63 -10.33
CA THR D 58 -16.68 14.99 -9.89
C THR D 58 -17.32 15.30 -8.53
N TYR D 59 -16.55 15.90 -7.62
CA TYR D 59 -16.97 16.31 -6.26
C TYR D 59 -16.46 17.73 -6.01
N TYR D 60 -17.33 18.62 -5.51
CA TYR D 60 -17.07 20.08 -5.39
C TYR D 60 -17.35 20.52 -3.95
N ALA D 61 -16.83 21.70 -3.56
CA ALA D 61 -17.17 22.42 -2.32
C ALA D 61 -18.46 23.20 -2.56
N ASP D 62 -19.31 23.36 -1.53
CA ASP D 62 -20.61 24.08 -1.60
C ASP D 62 -20.37 25.53 -2.04
N SER D 63 -19.24 26.12 -1.61
CA SER D 63 -18.85 27.54 -1.88
C SER D 63 -18.67 27.78 -3.38
N VAL D 64 -18.28 26.76 -4.15
CA VAL D 64 -17.98 26.86 -5.61
C VAL D 64 -18.89 25.92 -6.41
N LYS D 65 -19.91 25.32 -5.79
CA LYS D 65 -20.83 24.34 -6.43
C LYS D 65 -21.65 25.07 -7.50
N GLY D 66 -21.55 24.62 -8.76
CA GLY D 66 -22.30 25.18 -9.90
C GLY D 66 -21.48 26.18 -10.70
N ARG D 67 -20.63 26.96 -10.02
CA ARG D 67 -19.78 28.02 -10.62
C ARG D 67 -18.49 27.42 -11.17
N PHE D 68 -17.90 26.46 -10.43
CA PHE D 68 -16.64 25.75 -10.79
C PHE D 68 -16.97 24.40 -11.44
N THR D 69 -16.06 23.90 -12.28
CA THR D 69 -16.14 22.57 -12.94
C THR D 69 -14.73 22.00 -13.09
N ILE D 70 -14.53 20.74 -12.70
CA ILE D 70 -13.24 19.99 -12.80
C ILE D 70 -13.38 18.95 -13.92
N SER D 71 -12.38 18.86 -14.80
CA SER D 71 -12.40 17.98 -16.00
C SER D 71 -10.99 17.45 -16.30
N ARG D 72 -10.93 16.33 -17.01
CA ARG D 72 -9.69 15.65 -17.46
C ARG D 72 -9.75 15.46 -18.98
N ASP D 73 -8.61 15.57 -19.66
CA ASP D 73 -8.48 15.27 -21.11
C ASP D 73 -8.49 13.74 -21.29
N ASN D 74 -8.61 13.28 -22.55
CA ASN D 74 -8.79 11.84 -22.91
C ASN D 74 -7.64 11.02 -22.32
N GLY D 75 -6.40 11.48 -22.47
CA GLY D 75 -5.18 10.77 -22.05
C GLY D 75 -5.00 10.74 -20.53
N LYS D 76 -5.67 11.63 -19.81
CA LYS D 76 -5.57 11.82 -18.33
C LYS D 76 -4.19 12.38 -17.97
N ASN D 77 -3.58 13.14 -18.89
CA ASN D 77 -2.25 13.78 -18.73
C ASN D 77 -2.40 15.13 -18.04
N THR D 78 -3.43 15.90 -18.43
CA THR D 78 -3.70 17.30 -17.99
C THR D 78 -5.03 17.34 -17.22
N LEU D 79 -5.01 17.92 -16.02
CA LEU D 79 -6.21 18.22 -15.19
C LEU D 79 -6.56 19.70 -15.33
N PHE D 80 -7.85 20.02 -15.48
CA PHE D 80 -8.37 21.39 -15.71
C PHE D 80 -9.36 21.76 -14.59
N LEU D 81 -9.41 23.04 -14.24
CA LEU D 81 -10.45 23.64 -13.34
C LEU D 81 -11.11 24.81 -14.07
N GLN D 82 -12.28 24.56 -14.66
CA GLN D 82 -13.14 25.59 -15.31
C GLN D 82 -13.74 26.48 -14.21
N MET D 83 -13.28 27.72 -14.09
CA MET D 83 -13.73 28.70 -13.06
C MET D 83 -14.58 29.78 -13.72
N ASN D 84 -15.87 29.84 -13.40
CA ASN D 84 -16.85 30.83 -13.91
C ASN D 84 -17.46 31.60 -12.74
N SER D 85 -17.94 32.82 -13.00
CA SER D 85 -18.64 33.71 -12.03
C SER D 85 -17.74 33.95 -10.81
N LEU D 86 -16.48 34.32 -11.06
CA LEU D 86 -15.43 34.51 -10.01
C LEU D 86 -15.82 35.68 -9.09
N LYS D 87 -15.90 35.41 -7.79
CA LYS D 87 -16.23 36.41 -6.73
C LYS D 87 -14.95 36.79 -6.00
N PRO D 88 -14.91 37.95 -5.30
CA PRO D 88 -13.73 38.36 -4.54
C PRO D 88 -13.23 37.29 -3.55
N GLU D 89 -14.15 36.51 -2.96
CA GLU D 89 -13.86 35.47 -1.94
C GLU D 89 -13.04 34.32 -2.56
N ASP D 90 -13.10 34.13 -3.88
CA ASP D 90 -12.36 33.07 -4.63
C ASP D 90 -10.86 33.40 -4.65
N THR D 91 -10.49 34.66 -4.45
CA THR D 91 -9.08 35.15 -4.40
C THR D 91 -8.27 34.27 -3.43
N ALA D 92 -7.34 33.47 -3.95
CA ALA D 92 -6.47 32.56 -3.16
C ALA D 92 -5.36 31.97 -4.05
N MET D 93 -4.42 31.26 -3.41
CA MET D 93 -3.31 30.52 -4.08
C MET D 93 -3.79 29.09 -4.36
N TYR D 94 -4.03 28.76 -5.63
CA TYR D 94 -4.63 27.47 -6.09
C TYR D 94 -3.54 26.44 -6.37
N TYR D 95 -3.65 25.26 -5.74
CA TYR D 95 -2.73 24.11 -5.88
C TYR D 95 -3.50 22.91 -6.47
N CYS D 96 -2.90 22.24 -7.45
CA CYS D 96 -3.42 20.95 -8.00
CA CYS D 96 -3.41 20.95 -8.02
C CYS D 96 -2.69 19.79 -7.30
N ALA D 97 -3.48 18.86 -6.74
CA ALA D 97 -2.99 17.72 -5.94
C ALA D 97 -3.41 16.40 -6.59
N ALA D 98 -2.77 15.30 -6.17
CA ALA D 98 -3.04 13.92 -6.62
C ALA D 98 -2.92 12.97 -5.42
N ALA D 99 -3.82 11.98 -5.35
CA ALA D 99 -3.83 10.91 -4.31
C ALA D 99 -2.67 9.95 -4.58
N PRO D 100 -2.36 9.03 -3.65
CA PRO D 100 -1.36 8.00 -3.91
C PRO D 100 -1.68 7.20 -5.18
N GLU D 101 -0.69 6.98 -6.04
CA GLU D 101 -0.84 6.23 -7.31
C GLU D 101 -1.70 4.99 -7.06
N GLY D 102 -2.82 4.86 -7.78
CA GLY D 102 -3.76 3.73 -7.69
C GLY D 102 -5.03 4.10 -6.94
N ARG D 103 -4.94 5.01 -5.97
CA ARG D 103 -6.10 5.50 -5.17
C ARG D 103 -7.04 6.29 -6.09
N ALA D 104 -8.16 5.69 -6.49
CA ALA D 104 -9.16 6.28 -7.41
C ALA D 104 -10.12 7.19 -6.64
N TRP D 105 -10.54 6.80 -5.44
CA TRP D 105 -11.46 7.60 -4.58
C TRP D 105 -10.69 8.80 -4.01
N CYS D 106 -11.42 9.88 -3.70
CA CYS D 106 -10.88 11.22 -3.38
C CYS D 106 -11.08 11.57 -1.90
N SER D 107 -10.00 11.88 -1.19
CA SER D 107 -10.02 12.40 0.21
C SER D 107 -10.55 13.84 0.20
N ARG D 108 -11.18 14.26 1.30
CA ARG D 108 -11.71 15.63 1.49
C ARG D 108 -10.62 16.51 2.12
N ASP D 109 -9.86 15.94 3.06
CA ASP D 109 -8.73 16.59 3.77
C ASP D 109 -7.49 16.56 2.87
N PRO D 110 -6.63 17.61 2.88
CA PRO D 110 -5.42 17.61 2.04
C PRO D 110 -4.33 16.63 2.49
N SER D 111 -4.48 16.03 3.67
CA SER D 111 -3.53 15.02 4.22
C SER D 111 -3.58 13.73 3.38
N GLY D 112 -4.68 13.48 2.66
CA GLY D 112 -4.89 12.28 1.83
C GLY D 112 -4.41 12.44 0.40
N TYR D 113 -3.54 13.44 0.13
CA TYR D 113 -2.88 13.69 -1.18
C TYR D 113 -1.36 13.71 -0.97
N ASN D 114 -0.62 12.94 -1.78
CA ASN D 114 0.84 12.73 -1.64
C ASN D 114 1.60 13.72 -2.54
N TYR D 115 1.16 13.88 -3.79
CA TYR D 115 1.81 14.72 -4.83
C TYR D 115 1.08 16.07 -4.91
N TRP D 116 1.85 17.17 -4.94
CA TRP D 116 1.36 18.57 -5.03
C TRP D 116 2.15 19.33 -6.09
N GLY D 117 1.52 20.35 -6.70
CA GLY D 117 2.17 21.29 -7.62
C GLY D 117 2.71 22.50 -6.87
N GLN D 118 3.62 23.27 -7.49
CA GLN D 118 4.30 24.44 -6.89
C GLN D 118 3.26 25.51 -6.49
N GLY D 119 2.16 25.62 -7.24
CA GLY D 119 1.04 26.53 -6.96
C GLY D 119 0.94 27.64 -7.98
N THR D 120 -0.24 28.27 -8.08
CA THR D 120 -0.54 29.38 -9.03
C THR D 120 -1.54 30.34 -8.38
N GLN D 121 -1.27 31.65 -8.45
CA GLN D 121 -2.09 32.72 -7.81
C GLN D 121 -3.28 33.06 -8.72
N VAL D 122 -4.44 33.31 -8.11
CA VAL D 122 -5.70 33.74 -8.80
C VAL D 122 -6.31 34.88 -7.99
N THR D 123 -6.29 36.11 -8.52
CA THR D 123 -6.84 37.34 -7.89
C THR D 123 -8.15 37.71 -8.59
N VAL D 124 -9.13 38.22 -7.83
CA VAL D 124 -10.47 38.62 -8.34
C VAL D 124 -10.84 39.99 -7.74
N SER D 125 -11.01 41.00 -8.60
CA SER D 125 -11.39 42.39 -8.22
C SER D 125 -12.89 42.45 -7.92
N MET E 2 -7.42 17.06 9.39
CA MET E 2 -7.46 17.01 10.88
C MET E 2 -6.05 17.31 11.44
N HIS E 3 -5.98 18.05 12.55
CA HIS E 3 -4.73 18.45 13.23
C HIS E 3 -4.26 17.31 14.14
N VAL E 4 -3.02 16.86 13.97
CA VAL E 4 -2.36 15.80 14.78
C VAL E 4 -0.99 16.31 15.24
N ALA E 5 -0.80 16.44 16.56
CA ALA E 5 0.45 16.92 17.21
C ALA E 5 1.18 15.72 17.84
N GLN E 6 2.52 15.75 17.78
CA GLN E 6 3.41 14.72 18.41
C GLN E 6 4.81 15.29 18.56
N PRO E 7 5.61 14.80 19.53
CA PRO E 7 6.98 15.27 19.72
C PRO E 7 7.81 15.27 18.43
N ALA E 8 8.66 16.28 18.25
CA ALA E 8 9.56 16.45 17.08
C ALA E 8 10.66 15.39 17.12
N VAL E 9 11.28 15.20 18.29
CA VAL E 9 12.41 14.26 18.52
C VAL E 9 12.19 13.54 19.86
N VAL E 10 12.51 12.23 19.91
CA VAL E 10 12.52 11.40 21.15
C VAL E 10 13.72 10.47 21.11
N LEU E 11 14.45 10.35 22.22
CA LEU E 11 15.65 9.47 22.37
C LEU E 11 15.20 8.12 22.96
N ALA E 12 15.61 7.02 22.31
CA ALA E 12 15.35 5.63 22.76
C ALA E 12 16.37 5.25 23.83
N SER E 13 15.91 4.61 24.92
CA SER E 13 16.74 4.16 26.06
C SER E 13 17.75 3.11 25.58
N SER E 14 18.73 2.77 26.43
CA SER E 14 19.81 1.78 26.15
C SER E 14 19.20 0.42 25.76
N ARG E 15 18.13 0.01 26.46
CA ARG E 15 17.38 -1.25 26.18
C ARG E 15 16.74 -1.18 24.79
N GLY E 16 16.30 0.01 24.37
CA GLY E 16 15.74 0.29 23.03
C GLY E 16 14.25 0.59 23.07
N ILE E 17 13.77 1.25 24.13
CA ILE E 17 12.34 1.64 24.33
C ILE E 17 12.22 3.15 24.08
N ALA E 18 11.19 3.56 23.32
CA ALA E 18 10.92 4.96 22.96
C ALA E 18 9.41 5.22 22.99
N SER E 19 8.94 5.97 23.99
CA SER E 19 7.53 6.40 24.17
C SER E 19 7.35 7.82 23.63
N PHE E 20 6.16 8.13 23.09
CA PHE E 20 5.79 9.47 22.59
C PHE E 20 4.26 9.58 22.48
N VAL E 21 3.70 10.71 22.96
CA VAL E 21 2.25 11.03 22.89
C VAL E 21 1.89 11.39 21.45
N CYS E 22 0.61 11.31 21.10
CA CYS E 22 0.07 11.60 19.74
C CYS E 22 -1.39 12.06 19.86
N GLU E 23 -1.59 13.36 20.17
CA GLU E 23 -2.92 13.97 20.42
C GLU E 23 -3.50 14.47 19.08
N TYR E 24 -4.83 14.47 18.95
CA TYR E 24 -5.58 14.84 17.73
C TYR E 24 -6.82 15.65 18.12
N ALA E 25 -7.07 16.75 17.39
CA ALA E 25 -8.22 17.66 17.60
C ALA E 25 -9.47 17.05 16.94
N SER E 26 -10.17 16.18 17.67
CA SER E 26 -11.40 15.47 17.23
C SER E 26 -12.50 16.48 16.93
N PRO E 27 -12.89 16.68 15.64
CA PRO E 27 -13.97 17.62 15.31
C PRO E 27 -15.33 17.14 15.82
N GLY E 28 -15.73 15.91 15.45
CA GLY E 28 -17.01 15.28 15.85
C GLY E 28 -16.87 14.51 17.15
N LYS E 29 -17.94 13.83 17.56
CA LYS E 29 -17.98 12.99 18.80
C LYS E 29 -17.61 11.56 18.37
N ALA E 30 -16.32 11.32 18.11
CA ALA E 30 -15.78 10.03 17.61
C ALA E 30 -15.73 9.01 18.74
N THR E 31 -16.08 7.76 18.44
CA THR E 31 -16.11 6.62 19.40
C THR E 31 -14.97 5.64 19.08
N GLU E 32 -14.89 5.18 17.83
CA GLU E 32 -13.73 4.39 17.32
C GLU E 32 -12.72 5.34 16.65
N VAL E 33 -11.44 5.18 16.99
CA VAL E 33 -10.29 5.90 16.37
C VAL E 33 -9.17 4.89 16.16
N ARG E 34 -8.58 4.85 14.95
CA ARG E 34 -7.45 3.94 14.61
C ARG E 34 -6.16 4.78 14.44
N VAL E 35 -5.22 4.60 15.37
CA VAL E 35 -3.86 5.22 15.35
C VAL E 35 -2.90 4.22 14.70
N THR E 36 -2.22 4.64 13.63
CA THR E 36 -1.28 3.81 12.83
C THR E 36 0.10 4.49 12.80
N VAL E 37 1.14 3.76 13.21
CA VAL E 37 2.55 4.26 13.23
C VAL E 37 3.20 3.90 11.90
N LEU E 38 3.51 4.92 11.08
CA LEU E 38 4.23 4.78 9.79
C LEU E 38 5.68 5.28 9.97
N ARG E 39 6.66 4.40 9.73
CA ARG E 39 8.11 4.73 9.77
C ARG E 39 8.56 5.08 8.35
N GLN E 40 8.93 6.35 8.14
CA GLN E 40 9.43 6.88 6.84
C GLN E 40 10.95 7.04 6.92
N ALA E 41 11.68 6.38 6.01
CA ALA E 41 13.16 6.39 5.94
C ALA E 41 13.61 5.79 4.60
N ASP E 42 14.59 6.42 3.95
CA ASP E 42 15.18 6.00 2.64
C ASP E 42 14.10 6.03 1.56
N SER E 43 13.21 7.03 1.61
CA SER E 43 12.15 7.32 0.60
C SER E 43 11.21 6.12 0.44
N GLN E 44 10.82 5.49 1.56
CA GLN E 44 9.83 4.37 1.61
C GLN E 44 9.12 4.39 2.96
N VAL E 45 7.83 4.03 2.97
CA VAL E 45 6.95 4.01 4.17
C VAL E 45 6.88 2.56 4.68
N THR E 46 6.88 2.38 6.00
CA THR E 46 6.81 1.06 6.70
C THR E 46 5.76 1.15 7.82
N GLU E 47 4.67 0.39 7.70
CA GLU E 47 3.60 0.30 8.72
C GLU E 47 4.15 -0.50 9.91
N VAL E 48 4.58 0.21 10.96
CA VAL E 48 5.24 -0.38 12.17
C VAL E 48 4.18 -1.15 12.97
N CYS E 49 3.00 -0.55 13.18
CA CYS E 49 1.89 -1.10 13.99
C CYS E 49 0.63 -0.23 13.83
N ALA E 50 -0.50 -0.73 14.31
CA ALA E 50 -1.81 -0.04 14.30
C ALA E 50 -2.59 -0.40 15.59
N ALA E 51 -3.24 0.59 16.20
CA ALA E 51 -4.05 0.46 17.43
C ALA E 51 -5.44 1.06 17.21
N THR E 52 -6.48 0.30 17.55
CA THR E 52 -7.90 0.73 17.52
C THR E 52 -8.32 1.15 18.93
N TYR E 53 -8.45 2.46 19.16
CA TYR E 53 -9.08 3.04 20.37
C TYR E 53 -10.60 2.91 20.23
N MET E 54 -11.23 2.22 21.19
CA MET E 54 -12.71 2.04 21.28
C MET E 54 -13.21 2.71 22.55
N MET E 55 -14.42 3.27 22.51
CA MET E 55 -15.06 3.99 23.64
C MET E 55 -14.96 3.15 24.92
N GLY E 56 -15.58 1.97 24.92
CA GLY E 56 -15.81 1.15 26.13
C GLY E 56 -14.82 0.02 26.29
N ASN E 57 -13.63 0.12 25.68
CA ASN E 57 -12.53 -0.88 25.78
C ASN E 57 -11.19 -0.15 25.97
N GLU E 58 -10.17 -0.88 26.40
CA GLU E 58 -8.75 -0.41 26.46
C GLU E 58 -8.17 -0.43 25.04
N LEU E 59 -7.15 0.38 24.77
CA LEU E 59 -6.48 0.46 23.45
C LEU E 59 -6.00 -0.95 23.06
N THR E 60 -6.37 -1.40 21.86
CA THR E 60 -6.10 -2.77 21.33
C THR E 60 -5.32 -2.65 20.01
N PHE E 61 -4.10 -3.20 19.98
CA PHE E 61 -3.20 -3.23 18.80
C PHE E 61 -3.56 -4.42 17.91
N LEU E 62 -3.40 -4.27 16.59
CA LEU E 62 -3.72 -5.30 15.58
C LEU E 62 -2.70 -6.43 15.67
N ASP E 63 -3.14 -7.59 16.17
CA ASP E 63 -2.31 -8.83 16.34
C ASP E 63 -0.99 -8.43 17.01
N ASP E 64 0.12 -9.07 16.64
CA ASP E 64 1.42 -8.96 17.33
C ASP E 64 2.25 -7.85 16.68
N SER E 65 2.78 -6.93 17.51
CA SER E 65 3.62 -5.77 17.09
C SER E 65 4.63 -5.44 18.19
N ILE E 66 5.55 -4.52 17.91
CA ILE E 66 6.56 -3.99 18.88
C ILE E 66 5.93 -2.86 19.70
N CYS E 67 4.76 -2.37 19.29
CA CYS E 67 4.05 -1.22 19.91
C CYS E 67 3.16 -1.69 21.06
N THR E 68 3.23 -0.98 22.19
CA THR E 68 2.26 -1.01 23.31
C THR E 68 1.82 0.43 23.58
N GLY E 69 0.82 0.63 24.43
CA GLY E 69 0.35 1.99 24.82
C GLY E 69 -1.04 1.98 25.41
N THR E 70 -1.44 3.10 26.02
CA THR E 70 -2.76 3.33 26.65
C THR E 70 -3.32 4.66 26.15
N SER E 71 -4.64 4.71 25.88
CA SER E 71 -5.38 5.91 25.44
C SER E 71 -5.82 6.73 26.65
N SER E 72 -5.99 8.03 26.48
CA SER E 72 -6.42 9.00 27.53
C SER E 72 -7.19 10.16 26.89
N GLY E 73 -8.50 10.01 26.75
CA GLY E 73 -9.39 11.00 26.10
C GLY E 73 -9.16 11.06 24.60
N ASN E 74 -8.69 12.20 24.09
CA ASN E 74 -8.46 12.44 22.64
C ASN E 74 -6.95 12.50 22.38
N GLN E 75 -6.19 11.55 22.94
CA GLN E 75 -4.73 11.37 22.70
C GLN E 75 -4.35 9.94 23.08
N VAL E 76 -3.19 9.47 22.58
CA VAL E 76 -2.65 8.09 22.83
C VAL E 76 -1.15 8.21 23.17
N ASN E 77 -0.70 7.48 24.20
CA ASN E 77 0.72 7.39 24.61
C ASN E 77 1.29 6.08 24.08
N LEU E 78 1.91 6.14 22.89
CA LEU E 78 2.50 4.97 22.19
C LEU E 78 3.88 4.65 22.78
N THR E 79 4.23 3.35 22.84
CA THR E 79 5.51 2.83 23.38
C THR E 79 6.06 1.78 22.42
N ILE E 80 7.09 2.13 21.65
CA ILE E 80 7.80 1.23 20.69
C ILE E 80 8.98 0.59 21.43
N GLN E 81 9.09 -0.74 21.38
CA GLN E 81 10.08 -1.55 22.15
C GLN E 81 11.02 -2.31 21.21
N GLY E 82 12.20 -2.69 21.72
CA GLY E 82 13.19 -3.55 21.04
C GLY E 82 13.77 -2.89 19.80
N LEU E 83 14.00 -1.57 19.85
CA LEU E 83 14.58 -0.77 18.74
C LEU E 83 16.11 -0.91 18.75
N ARG E 84 16.72 -0.88 17.56
CA ARG E 84 18.20 -0.90 17.36
C ARG E 84 18.60 0.30 16.51
N ALA E 85 19.91 0.49 16.28
CA ALA E 85 20.49 1.64 15.55
C ALA E 85 19.83 1.78 14.18
N MET E 86 19.69 0.68 13.44
CA MET E 86 19.24 0.67 12.02
C MET E 86 17.76 1.06 11.90
N ASP E 87 16.99 0.98 13.01
CA ASP E 87 15.55 1.35 13.05
C ASP E 87 15.39 2.88 13.04
N THR E 88 16.43 3.62 13.46
CA THR E 88 16.43 5.11 13.55
C THR E 88 15.79 5.70 12.29
N GLY E 89 14.68 6.42 12.44
CA GLY E 89 13.93 7.05 11.35
C GLY E 89 12.82 7.94 11.86
N LEU E 90 11.98 8.47 10.95
CA LEU E 90 10.84 9.35 11.26
C LEU E 90 9.58 8.49 11.44
N TYR E 91 9.04 8.45 12.67
CA TYR E 91 7.85 7.64 13.04
C TYR E 91 6.59 8.52 12.99
N ILE E 92 5.95 8.56 11.82
CA ILE E 92 4.74 9.37 11.52
C ILE E 92 3.52 8.68 12.13
N CYS E 93 2.63 9.47 12.75
CA CYS E 93 1.48 9.01 13.58
C CYS E 93 0.17 9.37 12.88
N LYS E 94 -0.36 8.44 12.07
CA LYS E 94 -1.61 8.59 11.28
C LYS E 94 -2.82 8.27 12.15
N VAL E 95 -3.76 9.21 12.28
CA VAL E 95 -5.01 9.05 13.08
C VAL E 95 -6.21 9.04 12.11
N GLU E 96 -7.20 8.19 12.37
CA GLU E 96 -8.43 8.04 11.56
C GLU E 96 -9.64 7.91 12.50
N LEU E 97 -10.65 8.78 12.35
CA LEU E 97 -11.94 8.69 13.06
C LEU E 97 -12.87 7.78 12.26
N MET E 98 -12.88 6.47 12.59
CA MET E 98 -13.52 5.40 11.80
C MET E 98 -15.04 5.39 12.02
N TYR E 99 -15.49 5.75 13.22
CA TYR E 99 -16.93 5.71 13.61
C TYR E 99 -17.22 6.67 14.76
N PRO E 100 -18.41 7.33 14.79
CA PRO E 100 -19.37 7.28 13.70
C PRO E 100 -18.99 8.22 12.55
N PRO E 101 -19.70 8.17 11.40
CA PRO E 101 -19.43 9.10 10.30
C PRO E 101 -19.56 10.56 10.73
N PRO E 102 -18.91 11.52 10.04
CA PRO E 102 -18.13 11.24 8.83
C PRO E 102 -16.67 10.84 9.15
N TYR E 103 -15.98 10.27 8.15
CA TYR E 103 -14.57 9.83 8.23
C TYR E 103 -13.64 11.06 8.16
N TYR E 104 -12.69 11.13 9.10
CA TYR E 104 -11.63 12.17 9.16
C TYR E 104 -10.26 11.49 9.15
N LEU E 105 -9.32 12.03 8.37
CA LEU E 105 -7.91 11.57 8.31
C LEU E 105 -6.99 12.68 8.82
N GLY E 106 -6.08 12.33 9.73
CA GLY E 106 -5.00 13.20 10.24
C GLY E 106 -3.66 12.50 10.16
N ILE E 107 -2.61 13.21 9.71
CA ILE E 107 -1.21 12.71 9.64
C ILE E 107 -0.28 13.79 10.21
N GLY E 108 0.42 13.46 11.31
CA GLY E 108 1.36 14.38 11.99
C GLY E 108 2.65 14.53 11.21
N ASN E 109 3.46 15.54 11.56
CA ASN E 109 4.80 15.83 10.96
C ASN E 109 5.70 14.60 11.17
N GLY E 110 5.59 13.94 12.32
CA GLY E 110 6.32 12.71 12.66
C GLY E 110 7.31 12.94 13.79
N THR E 111 7.58 11.90 14.58
CA THR E 111 8.57 11.88 15.68
C THR E 111 9.84 11.18 15.18
N GLN E 112 10.95 11.93 15.06
CA GLN E 112 12.28 11.38 14.70
C GLN E 112 12.84 10.66 15.93
N ILE E 113 12.69 9.33 15.99
CA ILE E 113 13.19 8.47 17.10
C ILE E 113 14.65 8.08 16.79
N TYR E 114 15.59 8.56 17.61
CA TYR E 114 17.04 8.26 17.51
C TYR E 114 17.38 7.11 18.46
N VAL E 115 18.08 6.10 17.94
CA VAL E 115 18.43 4.84 18.66
C VAL E 115 19.94 4.59 18.50
N ILE E 116 20.57 3.99 19.51
CA ILE E 116 22.03 3.63 19.54
C ILE E 116 22.18 2.28 20.23
N ASP E 117 23.08 1.42 19.71
CA ASP E 117 23.33 0.04 20.21
C ASP E 117 24.34 0.10 21.35
N PRO E 118 24.03 -0.45 22.54
CA PRO E 118 25.00 -0.54 23.63
C PRO E 118 26.20 -1.46 23.30
N GLU E 119 27.17 -1.53 24.22
CA GLU E 119 28.42 -2.33 24.08
C GLU E 119 28.31 -3.59 24.93
N PRO E 120 28.21 -4.80 24.33
CA PRO E 120 28.22 -6.05 25.10
C PRO E 120 29.51 -6.25 25.89
N GLN F 1 8.91 -9.06 -7.65
CA GLN F 1 8.07 -9.53 -6.50
C GLN F 1 8.93 -10.33 -5.52
N VAL F 2 8.45 -10.50 -4.28
CA VAL F 2 9.15 -11.26 -3.19
C VAL F 2 8.95 -12.76 -3.47
N GLN F 3 10.00 -13.56 -3.28
CA GLN F 3 9.98 -15.03 -3.42
C GLN F 3 10.75 -15.66 -2.24
N LEU F 4 10.15 -16.67 -1.61
CA LEU F 4 10.71 -17.39 -0.43
C LEU F 4 10.95 -18.85 -0.82
N GLN F 5 12.06 -19.44 -0.36
CA GLN F 5 12.43 -20.86 -0.61
C GLN F 5 13.02 -21.47 0.68
N GLU F 6 12.39 -22.52 1.19
CA GLU F 6 12.80 -23.21 2.46
C GLU F 6 13.98 -24.14 2.18
N SER F 7 14.60 -24.65 3.26
CA SER F 7 15.70 -25.64 3.26
C SER F 7 16.01 -26.08 4.70
N GLY F 8 16.74 -27.18 4.87
CA GLY F 8 17.21 -27.68 6.17
C GLY F 8 16.17 -28.53 6.89
N GLY F 9 15.06 -28.87 6.23
CA GLY F 9 14.01 -29.77 6.75
C GLY F 9 14.41 -31.23 6.57
N GLY F 10 13.76 -32.14 7.30
CA GLY F 10 14.02 -33.59 7.23
C GLY F 10 13.41 -34.34 8.40
N SER F 11 13.57 -35.67 8.42
CA SER F 11 13.08 -36.57 9.49
C SER F 11 14.16 -36.70 10.57
N VAL F 12 13.74 -36.69 11.85
CA VAL F 12 14.64 -36.82 13.04
C VAL F 12 13.92 -37.64 14.12
N GLN F 13 14.66 -38.03 15.17
CA GLN F 13 14.16 -38.79 16.34
C GLN F 13 13.55 -37.80 17.35
N ALA F 14 12.65 -38.30 18.20
CA ALA F 14 11.99 -37.53 19.28
C ALA F 14 13.06 -37.00 20.25
N GLY F 15 12.90 -35.76 20.71
CA GLY F 15 13.86 -35.07 21.59
C GLY F 15 15.09 -34.60 20.83
N GLY F 16 15.05 -34.62 19.50
CA GLY F 16 16.15 -34.19 18.62
C GLY F 16 16.12 -32.69 18.38
N SER F 17 16.82 -32.22 17.35
CA SER F 17 16.93 -30.78 16.97
CA SER F 17 16.93 -30.78 16.97
C SER F 17 17.04 -30.63 15.45
N LEU F 18 16.47 -29.54 14.91
CA LEU F 18 16.52 -29.16 13.48
C LEU F 18 16.56 -27.63 13.38
N THR F 19 17.13 -27.11 12.28
CA THR F 19 17.23 -25.67 11.95
C THR F 19 16.73 -25.47 10.52
N LEU F 20 15.55 -24.86 10.35
CA LEU F 20 14.95 -24.55 9.03
C LEU F 20 15.43 -23.16 8.58
N SER F 21 15.82 -23.04 7.30
CA SER F 21 16.19 -21.78 6.63
C SER F 21 15.11 -21.38 5.63
N CYS F 22 14.94 -20.08 5.38
CA CYS F 22 13.97 -19.51 4.40
C CYS F 22 14.62 -18.31 3.70
N ALA F 23 15.36 -18.56 2.62
CA ALA F 23 16.09 -17.54 1.82
C ALA F 23 15.09 -16.66 1.07
N ALA F 24 14.90 -15.43 1.54
CA ALA F 24 13.98 -14.41 0.95
C ALA F 24 14.76 -13.57 -0.07
N SER F 25 14.13 -13.25 -1.21
CA SER F 25 14.75 -12.56 -2.37
C SER F 25 13.73 -11.62 -3.02
N GLY F 26 14.20 -10.48 -3.55
CA GLY F 26 13.40 -9.52 -4.34
C GLY F 26 12.54 -8.63 -3.47
N TYR F 27 13.13 -8.02 -2.44
CA TYR F 27 12.46 -7.11 -1.47
C TYR F 27 12.71 -5.65 -1.88
N ALA F 28 11.63 -4.87 -2.02
CA ALA F 28 11.67 -3.38 -2.12
C ALA F 28 11.79 -2.80 -0.71
N ASN F 29 11.01 -3.32 0.23
CA ASN F 29 11.05 -2.99 1.68
C ASN F 29 11.33 -4.29 2.46
N SER F 30 12.56 -4.43 2.98
CA SER F 30 13.03 -5.62 3.75
C SER F 30 12.45 -5.60 5.18
N ASN F 31 12.01 -4.42 5.66
CA ASN F 31 11.40 -4.27 7.01
C ASN F 31 9.94 -4.76 6.95
N THR F 32 9.77 -6.06 6.74
CA THR F 32 8.46 -6.77 6.61
C THR F 32 8.44 -7.94 7.60
N CYS F 33 7.29 -8.19 8.24
CA CYS F 33 7.09 -9.35 9.16
C CYS F 33 7.26 -10.65 8.36
N MET F 34 8.08 -11.57 8.86
CA MET F 34 8.16 -12.97 8.40
C MET F 34 7.77 -13.90 9.54
N GLY F 35 7.33 -15.11 9.22
CA GLY F 35 6.90 -16.12 10.20
C GLY F 35 7.06 -17.53 9.67
N TRP F 36 6.75 -18.52 10.51
CA TRP F 36 6.70 -19.96 10.16
C TRP F 36 5.32 -20.51 10.49
N PHE F 37 4.75 -21.29 9.57
CA PHE F 37 3.46 -22.03 9.73
C PHE F 37 3.73 -23.52 9.51
N ARG F 38 2.97 -24.38 10.21
CA ARG F 38 3.02 -25.85 10.03
C ARG F 38 1.59 -26.36 9.76
N GLN F 39 1.48 -27.37 8.89
CA GLN F 39 0.19 -27.98 8.46
C GLN F 39 0.27 -29.49 8.63
N ALA F 40 -0.49 -30.04 9.59
CA ALA F 40 -0.61 -31.48 9.86
C ALA F 40 -1.49 -32.11 8.78
N PRO F 41 -1.42 -33.45 8.56
CA PRO F 41 -2.26 -34.12 7.57
C PRO F 41 -3.76 -33.84 7.81
N GLY F 42 -4.37 -33.04 6.93
CA GLY F 42 -5.82 -32.72 6.95
C GLY F 42 -6.10 -31.36 7.57
N LYS F 43 -5.54 -31.11 8.76
CA LYS F 43 -5.77 -29.87 9.56
C LYS F 43 -5.17 -28.65 8.85
N GLU F 44 -5.65 -27.45 9.20
CA GLU F 44 -5.31 -26.16 8.54
C GLU F 44 -3.93 -25.67 9.03
N ARG F 45 -3.42 -24.60 8.41
CA ARG F 45 -2.10 -23.98 8.73
C ARG F 45 -2.22 -23.14 10.00
N GLU F 46 -1.50 -23.54 11.07
CA GLU F 46 -1.36 -22.77 12.33
C GLU F 46 0.03 -22.12 12.36
N ARG F 47 0.12 -20.90 12.90
CA ARG F 47 1.39 -20.14 13.05
C ARG F 47 2.16 -20.72 14.24
N VAL F 48 3.46 -21.04 14.06
CA VAL F 48 4.35 -21.56 15.13
C VAL F 48 5.13 -20.39 15.73
N ALA F 49 5.69 -19.51 14.88
CA ALA F 49 6.54 -18.36 15.29
C ALA F 49 6.50 -17.27 14.22
N ALA F 50 6.86 -16.03 14.60
CA ALA F 50 6.89 -14.84 13.72
C ALA F 50 7.79 -13.77 14.34
N ILE F 51 8.46 -12.98 13.49
CA ILE F 51 9.39 -11.88 13.91
C ILE F 51 8.93 -10.58 13.25
N SER F 52 8.99 -9.46 13.98
CA SER F 52 8.59 -8.11 13.51
C SER F 52 9.53 -7.64 12.40
N GLY F 53 9.02 -6.80 11.49
CA GLY F 53 9.81 -6.17 10.42
C GLY F 53 10.71 -5.07 10.94
N VAL F 54 10.28 -4.39 12.01
CA VAL F 54 11.02 -3.28 12.70
C VAL F 54 11.35 -3.75 14.11
N GLY F 55 12.61 -3.59 14.54
CA GLY F 55 13.11 -3.92 15.89
C GLY F 55 13.10 -5.43 16.14
N THR F 56 13.59 -5.83 17.32
CA THR F 56 13.59 -7.23 17.81
C THR F 56 12.25 -7.52 18.48
N GLY F 57 11.39 -8.29 17.81
CA GLY F 57 10.05 -8.68 18.32
C GLY F 57 9.65 -10.06 17.82
N THR F 58 9.92 -11.10 18.62
CA THR F 58 9.58 -12.51 18.33
C THR F 58 8.26 -12.87 19.03
N TYR F 59 7.40 -13.65 18.36
CA TYR F 59 6.07 -14.09 18.84
C TYR F 59 5.91 -15.58 18.49
N TYR F 60 5.53 -16.41 19.47
CA TYR F 60 5.48 -17.89 19.37
C TYR F 60 4.10 -18.40 19.78
N ALA F 61 3.74 -19.60 19.31
CA ALA F 61 2.58 -20.39 19.77
C ALA F 61 2.94 -21.03 21.11
N ASP F 62 1.95 -21.19 22.01
CA ASP F 62 2.12 -21.79 23.35
C ASP F 62 2.66 -23.22 23.21
N SER F 63 2.22 -23.93 22.16
CA SER F 63 2.58 -25.35 21.86
C SER F 63 4.09 -25.51 21.65
N VAL F 64 4.78 -24.46 21.19
CA VAL F 64 6.24 -24.48 20.86
C VAL F 64 6.98 -23.40 21.65
N LYS F 65 6.35 -22.81 22.66
CA LYS F 65 6.93 -21.71 23.49
C LYS F 65 8.08 -22.28 24.32
N GLY F 66 9.29 -21.74 24.15
CA GLY F 66 10.50 -22.15 24.89
C GLY F 66 11.36 -23.14 24.12
N ARG F 67 10.72 -24.07 23.40
CA ARG F 67 11.39 -25.16 22.63
C ARG F 67 11.85 -24.64 21.26
N PHE F 68 11.05 -23.77 20.63
CA PHE F 68 11.32 -23.17 19.30
C PHE F 68 11.90 -21.76 19.49
N THR F 69 12.70 -21.30 18.51
CA THR F 69 13.26 -19.93 18.44
C THR F 69 13.34 -19.46 16.98
N ILE F 70 12.80 -18.28 16.68
CA ILE F 70 12.84 -17.64 15.33
C ILE F 70 13.89 -16.50 15.38
N SER F 71 14.70 -16.38 14.34
CA SER F 71 15.82 -15.40 14.24
C SER F 71 16.04 -14.97 12.79
N ARG F 72 16.70 -13.83 12.61
CA ARG F 72 16.98 -13.19 11.29
C ARG F 72 18.46 -12.79 11.24
N ASP F 73 19.13 -13.00 10.11
CA ASP F 73 20.54 -12.58 9.89
C ASP F 73 20.59 -11.06 9.72
N ASN F 74 21.78 -10.47 9.85
CA ASN F 74 22.01 -9.00 9.85
C ASN F 74 21.38 -8.36 8.61
N GLY F 75 21.53 -8.99 7.44
CA GLY F 75 21.09 -8.46 6.14
C GLY F 75 19.59 -8.58 5.92
N LYS F 76 18.89 -9.37 6.75
CA LYS F 76 17.43 -9.65 6.65
C LYS F 76 17.14 -10.38 5.32
N ASN F 77 18.08 -11.22 4.87
CA ASN F 77 17.99 -12.03 3.63
C ASN F 77 17.42 -13.41 3.96
N THR F 78 17.91 -14.03 5.04
CA THR F 78 17.59 -15.42 5.46
C THR F 78 16.86 -15.40 6.80
N LEU F 79 15.70 -16.08 6.88
CA LEU F 79 14.93 -16.32 8.13
C LEU F 79 15.21 -17.75 8.61
N PHE F 80 15.42 -17.93 9.93
CA PHE F 80 15.76 -19.22 10.57
C PHE F 80 14.72 -19.58 11.63
N LEU F 81 14.49 -20.88 11.83
CA LEU F 81 13.65 -21.45 12.92
C LEU F 81 14.46 -22.52 13.68
N GLN F 82 15.01 -22.15 14.84
CA GLN F 82 15.79 -23.05 15.73
C GLN F 82 14.81 -23.96 16.50
N MET F 83 14.64 -25.20 16.06
CA MET F 83 13.69 -26.18 16.62
C MET F 83 14.43 -27.18 17.52
N ASN F 84 14.15 -27.15 18.83
CA ASN F 84 14.76 -28.02 19.86
C ASN F 84 13.66 -28.81 20.56
N SER F 85 14.01 -29.92 21.22
CA SER F 85 13.10 -30.82 21.99
C SER F 85 11.89 -31.21 21.14
N LEU F 86 12.13 -31.65 19.90
CA LEU F 86 11.09 -32.01 18.91
C LEU F 86 10.27 -33.20 19.42
N LYS F 87 8.95 -33.03 19.50
CA LYS F 87 7.99 -34.07 19.96
C LYS F 87 7.26 -34.64 18.75
N PRO F 88 6.62 -35.83 18.85
CA PRO F 88 5.85 -36.41 17.74
C PRO F 88 4.77 -35.49 17.17
N GLU F 89 4.17 -34.63 18.01
CA GLU F 89 3.07 -33.69 17.63
C GLU F 89 3.60 -32.61 16.67
N ASP F 90 4.90 -32.30 16.72
CA ASP F 90 5.56 -31.27 15.87
C ASP F 90 5.61 -31.74 14.41
N THR F 91 5.47 -33.05 14.16
CA THR F 91 5.41 -33.68 12.81
C THR F 91 4.37 -32.94 11.96
N ALA F 92 4.81 -32.22 10.92
CA ALA F 92 3.95 -31.44 10.00
C ALA F 92 4.76 -30.91 8.81
N MET F 93 4.07 -30.34 7.82
CA MET F 93 4.66 -29.66 6.64
C MET F 93 4.85 -28.17 6.97
N TYR F 94 6.10 -27.73 7.16
CA TYR F 94 6.48 -26.38 7.63
C TYR F 94 6.65 -25.43 6.43
N TYR F 95 5.96 -24.29 6.47
CA TYR F 95 6.02 -23.20 5.45
C TYR F 95 6.52 -21.91 6.09
N CYS F 96 7.43 -21.21 5.40
CA CYS F 96 7.90 -19.84 5.78
CA CYS F 96 7.90 -19.85 5.77
C CYS F 96 7.09 -18.81 4.99
N ALA F 97 6.50 -17.84 5.69
CA ALA F 97 5.59 -16.80 5.12
C ALA F 97 6.14 -15.40 5.40
N ALA F 98 5.64 -14.42 4.65
CA ALA F 98 5.98 -12.98 4.75
C ALA F 98 4.73 -12.12 4.51
N ALA F 99 4.50 -11.13 5.38
CA ALA F 99 3.39 -10.15 5.31
C ALA F 99 3.55 -9.32 4.03
N PRO F 100 2.53 -8.51 3.65
CA PRO F 100 2.68 -7.58 2.53
C PRO F 100 3.89 -6.64 2.75
N GLU F 101 4.71 -6.45 1.71
CA GLU F 101 5.92 -5.59 1.75
C GLU F 101 5.58 -4.30 2.50
N GLY F 102 6.35 -3.98 3.55
CA GLY F 102 6.20 -2.74 4.33
C GLY F 102 5.46 -2.95 5.64
N ARG F 103 4.71 -4.05 5.78
CA ARG F 103 3.97 -4.37 7.04
C ARG F 103 4.93 -5.06 8.02
N ALA F 104 5.30 -4.35 9.08
CA ALA F 104 6.26 -4.79 10.12
C ALA F 104 5.54 -5.69 11.14
N TRP F 105 4.30 -5.34 11.52
CA TRP F 105 3.51 -6.09 12.53
C TRP F 105 3.05 -7.43 11.95
N CYS F 106 2.86 -8.43 12.80
CA CYS F 106 2.70 -9.86 12.43
C CYS F 106 1.27 -10.34 12.71
N SER F 107 0.57 -10.79 11.67
CA SER F 107 -0.77 -11.43 11.73
C SER F 107 -0.65 -12.78 12.43
N ARG F 108 -1.72 -13.20 13.12
CA ARG F 108 -1.82 -14.53 13.80
C ARG F 108 -2.42 -15.54 12.81
N ASP F 109 -3.39 -15.11 12.00
CA ASP F 109 -4.06 -15.93 10.95
C ASP F 109 -3.19 -15.92 9.69
N PRO F 110 -3.07 -17.05 8.96
CA PRO F 110 -2.23 -17.11 7.76
C PRO F 110 -2.75 -16.24 6.60
N SER F 111 -4.01 -15.83 6.65
CA SER F 111 -4.67 -14.96 5.64
C SER F 111 -3.91 -13.63 5.50
N GLY F 112 -3.27 -13.15 6.57
CA GLY F 112 -2.57 -11.86 6.62
C GLY F 112 -1.13 -11.94 6.11
N TYR F 113 -0.79 -13.02 5.39
CA TYR F 113 0.53 -13.23 4.73
C TYR F 113 0.30 -13.44 3.23
N ASN F 114 0.98 -12.64 2.39
CA ASN F 114 0.80 -12.63 0.91
C ASN F 114 1.78 -13.61 0.27
N TYR F 115 3.05 -13.58 0.68
CA TYR F 115 4.15 -14.38 0.09
C TYR F 115 4.37 -15.65 0.92
N TRP F 116 4.46 -16.79 0.25
CA TRP F 116 4.67 -18.14 0.86
C TRP F 116 5.79 -18.86 0.11
N GLY F 117 6.48 -19.78 0.79
CA GLY F 117 7.44 -20.72 0.19
C GLY F 117 6.73 -21.99 -0.28
N GLN F 118 7.44 -22.86 -1.01
CA GLN F 118 6.91 -24.13 -1.56
C GLN F 118 6.61 -25.10 -0.41
N GLY F 119 7.40 -25.02 0.68
CA GLY F 119 7.24 -25.84 1.90
C GLY F 119 8.41 -26.80 2.10
N THR F 120 8.47 -27.42 3.28
CA THR F 120 9.51 -28.43 3.65
C THR F 120 8.94 -29.34 4.75
N GLN F 121 9.10 -30.66 4.58
CA GLN F 121 8.55 -31.69 5.50
C GLN F 121 9.50 -31.87 6.70
N VAL F 122 8.92 -32.00 7.90
CA VAL F 122 9.65 -32.29 9.17
C VAL F 122 8.91 -33.43 9.89
N THR F 123 9.55 -34.60 10.00
CA THR F 123 9.01 -35.82 10.67
C THR F 123 9.77 -36.04 11.99
N VAL F 124 9.05 -36.45 13.04
CA VAL F 124 9.60 -36.70 14.40
C VAL F 124 9.10 -38.07 14.88
N SER F 125 10.03 -39.00 15.13
CA SER F 125 9.75 -40.38 15.62
C SER F 125 9.44 -40.34 17.12
N MET G 2 30.21 36.09 8.42
CA MET G 2 30.86 34.91 7.77
C MET G 2 29.92 33.71 7.82
N HIS G 3 29.91 32.88 6.77
CA HIS G 3 29.08 31.65 6.66
C HIS G 3 29.82 30.48 7.33
N VAL G 4 29.15 29.77 8.24
CA VAL G 4 29.69 28.57 8.97
C VAL G 4 28.64 27.46 8.91
N ALA G 5 28.95 26.37 8.21
CA ALA G 5 28.09 25.18 8.03
C ALA G 5 28.56 24.06 8.97
N GLN G 6 27.62 23.26 9.49
CA GLN G 6 27.89 22.09 10.36
C GLN G 6 26.65 21.20 10.40
N PRO G 7 26.79 19.88 10.64
CA PRO G 7 25.64 18.97 10.72
C PRO G 7 24.56 19.46 11.68
N ALA G 8 23.29 19.28 11.32
CA ALA G 8 22.10 19.67 12.11
C ALA G 8 22.02 18.80 13.37
N VAL G 9 22.17 17.48 13.21
CA VAL G 9 22.08 16.46 14.29
C VAL G 9 23.22 15.46 14.13
N VAL G 10 23.77 14.98 15.24
CA VAL G 10 24.78 13.87 15.29
C VAL G 10 24.49 13.01 16.53
N LEU G 11 24.56 11.69 16.38
CA LEU G 11 24.33 10.70 17.48
C LEU G 11 25.69 10.29 18.08
N ALA G 12 25.82 10.39 19.40
CA ALA G 12 27.01 9.96 20.16
C ALA G 12 26.98 8.43 20.31
N SER G 13 28.14 7.77 20.17
CA SER G 13 28.31 6.30 20.33
C SER G 13 27.99 5.89 21.77
N SER G 14 27.94 4.58 22.03
CA SER G 14 27.69 3.99 23.37
C SER G 14 28.76 4.45 24.37
N ARG G 15 30.02 4.52 23.92
CA ARG G 15 31.19 4.99 24.72
C ARG G 15 31.04 6.47 25.04
N GLY G 16 30.39 7.24 24.16
CA GLY G 16 30.05 8.66 24.36
C GLY G 16 30.91 9.58 23.51
N ILE G 17 31.30 9.14 22.32
CA ILE G 17 32.12 9.93 21.34
C ILE G 17 31.19 10.44 20.23
N ALA G 18 31.31 11.72 19.87
CA ALA G 18 30.48 12.40 18.84
C ALA G 18 31.36 13.33 18.02
N SER G 19 31.69 12.94 16.78
CA SER G 19 32.46 13.73 15.79
C SER G 19 31.50 14.52 14.90
N PHE G 20 31.91 15.70 14.43
CA PHE G 20 31.18 16.53 13.45
C PHE G 20 32.12 17.54 12.79
N VAL G 21 31.98 17.73 11.47
CA VAL G 21 32.75 18.72 10.66
C VAL G 21 32.19 20.12 10.94
N CYS G 22 32.97 21.15 10.65
CA CYS G 22 32.62 22.58 10.86
C CYS G 22 33.38 23.45 9.85
N GLU G 23 32.88 23.51 8.61
CA GLU G 23 33.50 24.25 7.48
C GLU G 23 33.04 25.71 7.50
N TYR G 24 33.89 26.61 7.00
CA TYR G 24 33.68 28.08 6.99
C TYR G 24 34.18 28.66 5.66
N ALA G 25 33.43 29.59 5.07
CA ALA G 25 33.74 30.27 3.79
C ALA G 25 34.71 31.43 4.05
N SER G 26 36.01 31.11 4.14
CA SER G 26 37.11 32.07 4.42
C SER G 26 37.18 33.12 3.32
N PRO G 27 36.80 34.39 3.58
CA PRO G 27 36.83 35.44 2.55
C PRO G 27 38.26 35.78 2.09
N GLY G 28 39.13 36.11 3.04
CA GLY G 28 40.56 36.41 2.79
C GLY G 28 41.44 35.20 3.04
N LYS G 29 42.71 35.27 2.61
CA LYS G 29 43.73 34.22 2.87
C LYS G 29 44.14 34.30 4.35
N ALA G 30 43.36 33.66 5.22
CA ALA G 30 43.57 33.57 6.68
C ALA G 30 44.61 32.49 6.98
N THR G 31 45.50 32.75 7.95
CA THR G 31 46.59 31.84 8.38
C THR G 31 46.26 31.26 9.76
N GLU G 32 45.93 32.12 10.73
CA GLU G 32 45.41 31.71 12.06
C GLU G 32 43.88 31.74 12.03
N VAL G 33 43.25 30.68 12.54
CA VAL G 33 41.77 30.56 12.73
C VAL G 33 41.51 29.87 14.07
N ARG G 34 40.64 30.45 14.90
CA ARG G 34 40.27 29.90 16.24
C ARG G 34 38.82 29.39 16.19
N VAL G 35 38.66 28.06 16.23
CA VAL G 35 37.35 27.35 16.31
C VAL G 35 37.03 27.13 17.79
N THR G 36 35.88 27.63 18.24
CA THR G 36 35.39 27.54 19.65
C THR G 36 34.04 26.80 19.66
N VAL G 37 33.93 25.75 20.48
CA VAL G 37 32.68 24.94 20.65
C VAL G 37 31.90 25.53 21.83
N LEU G 38 30.74 26.12 21.56
CA LEU G 38 29.80 26.68 22.57
C LEU G 38 28.60 25.73 22.70
N ARG G 39 28.39 25.17 23.88
CA ARG G 39 27.20 24.33 24.20
C ARG G 39 26.11 25.25 24.76
N GLN G 40 24.97 25.34 24.06
CA GLN G 40 23.79 26.15 24.46
C GLN G 40 22.67 25.19 24.89
N ALA G 41 22.18 25.35 26.12
CA ALA G 41 21.12 24.52 26.74
C ALA G 41 20.61 25.20 28.01
N ASP G 42 19.29 25.22 28.21
CA ASP G 42 18.60 25.80 29.40
C ASP G 42 18.86 27.31 29.47
N SER G 43 18.92 27.97 28.31
CA SER G 43 19.07 29.45 28.14
C SER G 43 20.38 29.93 28.78
N GLN G 44 21.48 29.18 28.60
CA GLN G 44 22.83 29.55 29.05
C GLN G 44 23.88 28.94 28.12
N VAL G 45 24.97 29.67 27.87
CA VAL G 45 26.09 29.25 26.97
C VAL G 45 27.22 28.68 27.84
N THR G 46 27.88 27.63 27.34
CA THR G 46 29.02 26.93 28.00
C THR G 46 30.14 26.72 26.97
N GLU G 47 31.30 27.35 27.17
CA GLU G 47 32.50 27.19 26.31
C GLU G 47 33.10 25.80 26.59
N VAL G 48 32.81 24.83 25.72
CA VAL G 48 33.21 23.40 25.87
C VAL G 48 34.73 23.30 25.68
N CYS G 49 35.25 23.93 24.63
CA CYS G 49 36.68 23.90 24.23
C CYS G 49 36.96 24.96 23.16
N ALA G 50 38.23 25.15 22.83
CA ALA G 50 38.71 26.08 21.77
C ALA G 50 39.99 25.52 21.14
N ALA G 51 40.08 25.57 19.81
CA ALA G 51 41.22 25.09 19.01
C ALA G 51 41.73 26.21 18.10
N THR G 52 43.05 26.44 18.07
CA THR G 52 43.75 27.39 17.17
C THR G 52 44.34 26.60 15.99
N TYR G 53 43.72 26.72 14.81
CA TYR G 53 44.29 26.26 13.53
C TYR G 53 45.36 27.27 13.07
N MET G 54 46.60 26.81 12.89
CA MET G 54 47.73 27.60 12.36
C MET G 54 48.15 27.00 11.02
N MET G 55 48.66 27.83 10.10
CA MET G 55 49.08 27.42 8.73
C MET G 55 50.08 26.26 8.82
N GLY G 56 51.19 26.46 9.53
CA GLY G 56 52.36 25.56 9.50
C GLY G 56 52.33 24.48 10.58
N ASN G 57 51.29 24.46 11.43
CA ASN G 57 51.19 23.54 12.60
C ASN G 57 49.90 22.72 12.50
N GLU G 58 49.83 21.61 13.25
CA GLU G 58 48.62 20.76 13.40
C GLU G 58 47.68 21.44 14.39
N LEU G 59 46.36 21.21 14.26
CA LEU G 59 45.31 21.85 15.11
C LEU G 59 45.68 21.64 16.58
N THR G 60 45.72 22.73 17.36
CA THR G 60 46.14 22.75 18.79
C THR G 60 45.02 23.33 19.66
N PHE G 61 44.51 22.52 20.60
CA PHE G 61 43.43 22.89 21.55
C PHE G 61 44.02 23.59 22.76
N LEU G 62 43.29 24.57 23.31
CA LEU G 62 43.73 25.39 24.48
C LEU G 62 43.74 24.51 25.74
N ASP G 63 44.94 24.17 26.21
CA ASP G 63 45.19 23.33 27.42
C ASP G 63 44.32 22.07 27.32
N ASP G 64 43.79 21.59 28.45
CA ASP G 64 43.11 20.26 28.56
C ASP G 64 41.61 20.45 28.36
N SER G 65 41.03 19.69 27.42
CA SER G 65 39.59 19.70 27.06
C SER G 65 39.14 18.29 26.67
N ILE G 66 37.83 18.08 26.50
CA ILE G 66 37.21 16.81 26.04
C ILE G 66 37.29 16.72 24.51
N CYS G 67 37.59 17.84 23.84
CA CYS G 67 37.65 17.95 22.37
C CYS G 67 39.02 17.50 21.84
N THR G 68 39.00 16.72 20.77
CA THR G 68 40.16 16.44 19.87
C THR G 68 39.71 16.74 18.43
N GLY G 69 40.62 16.69 17.46
CA GLY G 69 40.29 16.91 16.04
C GLY G 69 41.51 17.29 15.21
N THR G 70 41.35 17.24 13.88
CA THR G 70 42.37 17.59 12.85
C THR G 70 41.74 18.53 11.81
N SER G 71 42.47 19.56 11.41
CA SER G 71 42.07 20.54 10.36
C SER G 71 42.37 19.96 8.98
N SER G 72 41.67 20.44 7.96
CA SER G 72 41.82 20.03 6.53
C SER G 72 41.37 21.17 5.61
N GLY G 73 42.29 22.09 5.32
CA GLY G 73 42.04 23.29 4.49
C GLY G 73 41.21 24.32 5.24
N ASN G 74 39.99 24.61 4.77
CA ASN G 74 39.09 25.64 5.33
C ASN G 74 37.92 24.95 6.05
N GLN G 75 38.20 23.89 6.81
CA GLN G 75 37.23 23.16 7.67
C GLN G 75 37.98 22.41 8.78
N VAL G 76 37.28 21.99 9.83
CA VAL G 76 37.83 21.25 11.00
C VAL G 76 36.89 20.09 11.35
N ASN G 77 37.45 18.91 11.61
CA ASN G 77 36.71 17.69 12.06
C ASN G 77 36.88 17.56 13.58
N LEU G 78 35.95 18.13 14.34
CA LEU G 78 35.96 18.13 15.84
C LEU G 78 35.45 16.78 16.35
N THR G 79 36.01 16.30 17.46
CA THR G 79 35.67 15.00 18.12
C THR G 79 35.55 15.23 19.64
N ILE G 80 34.32 15.33 20.14
CA ILE G 80 34.00 15.47 21.59
C ILE G 80 33.89 14.08 22.21
N GLN G 81 34.59 13.84 23.33
CA GLN G 81 34.73 12.51 23.98
C GLN G 81 34.13 12.54 25.40
N GLY G 82 33.78 11.36 25.92
CA GLY G 82 33.32 11.14 27.31
C GLY G 82 32.03 11.87 27.63
N LEU G 83 31.09 11.90 26.67
CA LEU G 83 29.76 12.54 26.83
C LEU G 83 28.81 11.58 27.55
N ARG G 84 27.86 12.14 28.31
CA ARG G 84 26.79 11.39 29.02
C ARG G 84 25.43 12.01 28.65
N ALA G 85 24.33 11.43 29.15
CA ALA G 85 22.94 11.79 28.82
C ALA G 85 22.70 13.27 29.11
N MET G 86 23.18 13.77 30.25
CA MET G 86 22.91 15.15 30.75
C MET G 86 23.62 16.19 29.88
N ASP G 87 24.66 15.80 29.13
CA ASP G 87 25.45 16.70 28.25
C ASP G 87 24.64 17.05 26.98
N THR G 88 23.68 16.21 26.60
CA THR G 88 22.81 16.37 25.40
C THR G 88 22.36 17.83 25.29
N GLY G 89 22.76 18.53 24.23
CA GLY G 89 22.43 19.93 23.96
C GLY G 89 22.88 20.38 22.58
N LEU G 90 22.76 21.67 22.28
CA LEU G 90 23.14 22.27 20.97
C LEU G 90 24.59 22.76 21.05
N TYR G 91 25.49 22.12 20.29
CA TYR G 91 26.95 22.41 20.26
C TYR G 91 27.26 23.35 19.10
N ILE G 92 27.17 24.66 19.36
CA ILE G 92 27.39 25.77 18.39
C ILE G 92 28.91 25.91 18.14
N CYS G 93 29.29 26.10 16.88
CA CYS G 93 30.70 26.09 16.38
C CYS G 93 31.07 27.49 15.91
N LYS G 94 31.67 28.30 16.80
CA LYS G 94 32.10 29.70 16.55
C LYS G 94 33.49 29.70 15.90
N VAL G 95 33.61 30.31 14.72
CA VAL G 95 34.89 30.42 13.94
C VAL G 95 35.31 31.89 13.91
N GLU G 96 36.61 32.15 14.08
CA GLU G 96 37.23 33.50 14.08
C GLU G 96 38.51 33.48 13.24
N LEU G 97 38.59 34.34 12.22
CA LEU G 97 39.84 34.60 11.45
C LEU G 97 40.66 35.64 12.21
N MET G 98 41.63 35.19 13.01
CA MET G 98 42.39 36.02 13.97
C MET G 98 43.51 36.78 13.25
N TYR G 99 44.17 36.13 12.29
CA TYR G 99 45.33 36.71 11.54
C TYR G 99 45.39 36.15 10.12
N PRO G 100 45.81 36.94 9.10
CA PRO G 100 46.03 38.38 9.25
C PRO G 100 44.74 39.19 9.20
N PRO G 101 44.78 40.51 9.50
CA PRO G 101 43.59 41.35 9.40
C PRO G 101 42.98 41.31 8.00
N PRO G 102 41.68 41.63 7.83
CA PRO G 102 40.82 42.05 8.93
C PRO G 102 40.20 40.87 9.70
N TYR G 103 39.65 41.13 10.89
CA TYR G 103 38.98 40.14 11.77
C TYR G 103 37.60 39.81 11.20
N TYR G 104 37.27 38.52 11.12
CA TYR G 104 35.96 37.97 10.70
C TYR G 104 35.42 37.04 11.79
N LEU G 105 34.13 37.17 12.14
CA LEU G 105 33.42 36.28 13.09
C LEU G 105 32.35 35.49 12.34
N GLY G 106 32.29 34.18 12.58
CA GLY G 106 31.25 33.27 12.09
C GLY G 106 30.71 32.41 13.22
N ILE G 107 29.39 32.24 13.30
CA ILE G 107 28.69 31.38 14.29
C ILE G 107 27.64 30.54 13.55
N GLY G 108 27.78 29.22 13.57
CA GLY G 108 26.86 28.26 12.92
C GLY G 108 25.57 28.10 13.69
N ASN G 109 24.56 27.48 13.05
CA ASN G 109 23.22 27.20 13.66
C ASN G 109 23.41 26.29 14.88
N GLY G 110 24.35 25.34 14.81
CA GLY G 110 24.74 24.45 15.91
C GLY G 110 24.37 23.01 15.62
N THR G 111 25.18 22.07 16.12
CA THR G 111 24.96 20.60 15.99
C THR G 111 24.32 20.08 17.28
N GLN G 112 23.05 19.65 17.21
CA GLN G 112 22.31 19.02 18.35
C GLN G 112 22.85 17.61 18.55
N ILE G 113 23.83 17.44 19.46
CA ILE G 113 24.44 16.13 19.80
C ILE G 113 23.55 15.43 20.83
N TYR G 114 22.97 14.28 20.46
CA TYR G 114 22.12 13.43 21.32
C TYR G 114 22.97 12.28 21.90
N VAL G 115 22.89 12.10 23.22
CA VAL G 115 23.74 11.13 23.99
C VAL G 115 22.83 10.27 24.87
N ILE G 116 23.19 8.99 25.06
CA ILE G 116 22.45 7.99 25.88
C ILE G 116 23.45 7.24 26.76
N ASP G 117 23.07 6.96 28.02
CA ASP G 117 23.89 6.21 29.01
C ASP G 117 23.63 4.71 28.85
N PRO G 118 24.67 3.88 28.59
CA PRO G 118 24.49 2.42 28.54
C PRO G 118 24.14 1.80 29.90
N GLU G 119 24.07 0.47 29.95
CA GLU G 119 23.83 -0.33 31.19
C GLU G 119 24.61 -1.65 31.10
N GLN H 1 27.90 35.14 43.67
CA GLN H 1 29.22 34.66 43.14
C GLN H 1 29.50 33.23 43.63
N VAL H 2 30.41 32.52 42.97
CA VAL H 2 30.82 31.12 43.30
C VAL H 2 31.74 31.19 44.54
N GLN H 3 31.57 30.25 45.48
CA GLN H 3 32.38 30.12 46.72
C GLN H 3 32.71 28.64 46.95
N LEU H 4 33.99 28.32 47.15
CA LEU H 4 34.51 26.94 47.38
C LEU H 4 35.05 26.85 48.80
N GLN H 5 34.85 25.69 49.45
CA GLN H 5 35.34 25.40 50.83
C GLN H 5 35.81 23.94 50.90
N GLU H 6 37.09 23.72 51.25
CA GLU H 6 37.72 22.37 51.32
C GLU H 6 37.36 21.70 52.64
N SER H 7 37.64 20.40 52.75
CA SER H 7 37.49 19.56 53.97
C SER H 7 38.13 18.18 53.73
N GLY H 8 38.31 17.40 54.80
CA GLY H 8 38.81 16.01 54.75
C GLY H 8 40.32 15.92 54.66
N GLY H 9 41.03 17.04 54.85
CA GLY H 9 42.50 17.10 54.89
C GLY H 9 43.04 16.80 56.26
N GLY H 10 44.32 16.40 56.36
CA GLY H 10 44.99 16.06 57.63
C GLY H 10 46.29 15.32 57.42
N SER H 11 47.02 15.05 58.50
CA SER H 11 48.32 14.33 58.51
C SER H 11 48.08 12.82 58.54
N VAL H 12 48.87 12.05 57.77
CA VAL H 12 48.80 10.57 57.67
C VAL H 12 50.22 10.02 57.49
N GLN H 13 50.37 8.69 57.57
CA GLN H 13 51.66 7.97 57.39
C GLN H 13 51.89 7.71 55.88
N ALA H 14 53.14 7.49 55.48
CA ALA H 14 53.56 7.20 54.09
C ALA H 14 52.93 5.89 53.62
N GLY H 15 52.47 5.85 52.37
CA GLY H 15 51.74 4.72 51.78
C GLY H 15 50.31 4.63 52.33
N GLY H 16 49.78 5.75 52.84
CA GLY H 16 48.41 5.85 53.38
C GLY H 16 47.44 6.35 52.31
N SER H 17 46.23 6.75 52.72
CA SER H 17 45.16 7.26 51.81
CA SER H 17 45.16 7.26 51.81
C SER H 17 44.39 8.40 52.49
N LEU H 18 43.93 9.35 51.68
CA LEU H 18 43.08 10.50 52.10
C LEU H 18 42.09 10.82 50.98
N THR H 19 40.96 11.45 51.32
CA THR H 19 39.89 11.89 50.38
C THR H 19 39.55 13.35 50.72
N LEU H 20 39.96 14.29 49.87
CA LEU H 20 39.67 15.74 50.03
C LEU H 20 38.33 16.06 49.36
N SER H 21 37.49 16.84 50.04
CA SER H 21 36.18 17.34 49.54
C SER H 21 36.29 18.85 49.29
N CYS H 22 35.53 19.36 48.32
CA CYS H 22 35.45 20.80 47.96
C CYS H 22 34.00 21.16 47.61
N ALA H 23 33.21 21.52 48.62
CA ALA H 23 31.78 21.89 48.49
C ALA H 23 31.66 23.25 47.77
N ALA H 24 31.23 23.22 46.51
CA ALA H 24 31.02 24.41 45.65
C ALA H 24 29.56 24.88 45.78
N SER H 25 29.35 26.20 45.85
CA SER H 25 28.05 26.85 46.10
C SER H 25 27.93 28.15 45.29
N GLY H 26 26.70 28.49 44.86
CA GLY H 26 26.37 29.75 44.18
C GLY H 26 26.80 29.74 42.72
N TYR H 27 26.41 28.70 41.98
CA TYR H 27 26.72 28.51 40.54
C TYR H 27 25.51 28.95 39.69
N ALA H 28 25.74 29.84 38.71
CA ALA H 28 24.78 30.18 37.63
C ALA H 28 24.92 29.14 36.51
N ASN H 29 26.15 28.76 36.18
CA ASN H 29 26.49 27.67 35.23
C ASN H 29 27.40 26.67 35.96
N SER H 30 26.85 25.49 36.29
CA SER H 30 27.55 24.40 37.04
C SER H 30 28.50 23.64 36.11
N ASN H 31 28.31 23.73 34.79
CA ASN H 31 29.18 23.11 33.76
C ASN H 31 30.46 23.94 33.63
N THR H 32 31.29 23.93 34.68
CA THR H 32 32.56 24.72 34.79
C THR H 32 33.68 23.78 35.27
N CYS H 33 34.86 23.88 34.65
CA CYS H 33 36.06 23.10 35.05
C CYS H 33 36.39 23.38 36.52
N MET H 34 36.63 22.32 37.30
CA MET H 34 37.21 22.39 38.66
C MET H 34 38.50 21.57 38.68
N GLY H 35 39.44 21.94 39.56
CA GLY H 35 40.73 21.26 39.69
C GLY H 35 41.29 21.37 41.11
N TRP H 36 42.34 20.61 41.40
CA TRP H 36 43.09 20.65 42.68
C TRP H 36 44.52 21.13 42.39
N PHE H 37 45.02 22.06 43.20
CA PHE H 37 46.40 22.58 43.19
C PHE H 37 47.03 22.31 44.57
N ARG H 38 48.35 22.09 44.61
CA ARG H 38 49.13 21.94 45.86
C ARG H 38 50.29 22.93 45.85
N GLN H 39 50.62 23.50 47.01
CA GLN H 39 51.71 24.50 47.20
C GLN H 39 52.64 24.03 48.32
N ALA H 40 53.87 23.65 47.97
CA ALA H 40 54.94 23.24 48.92
C ALA H 40 55.49 24.49 49.60
N PRO H 41 56.17 24.37 50.77
CA PRO H 41 56.76 25.52 51.45
C PRO H 41 57.72 26.29 50.53
N GLY H 42 57.31 27.50 50.10
CA GLY H 42 58.13 28.42 49.28
C GLY H 42 57.77 28.36 47.80
N LYS H 43 57.69 27.14 47.24
CA LYS H 43 57.44 26.89 45.80
C LYS H 43 55.99 27.30 45.43
N GLU H 44 55.75 27.55 44.14
CA GLU H 44 54.47 28.08 43.60
C GLU H 44 53.44 26.96 43.48
N ARG H 45 52.18 27.33 43.18
CA ARG H 45 51.03 26.39 43.06
C ARG H 45 51.12 25.63 41.73
N GLU H 46 51.28 24.30 41.80
CA GLU H 46 51.23 23.37 40.64
C GLU H 46 49.90 22.62 40.67
N ARG H 47 49.32 22.36 39.48
CA ARG H 47 48.05 21.61 39.32
C ARG H 47 48.33 20.11 39.50
N VAL H 48 47.54 19.42 40.33
CA VAL H 48 47.67 17.95 40.57
C VAL H 48 46.65 17.21 39.69
N ALA H 49 45.41 17.72 39.61
CA ALA H 49 44.29 17.09 38.86
C ALA H 49 43.24 18.16 38.49
N ALA H 50 42.42 17.86 37.49
CA ALA H 50 41.33 18.75 36.98
C ALA H 50 40.33 17.95 36.15
N ILE H 51 39.04 18.29 36.27
CA ILE H 51 37.90 17.60 35.59
C ILE H 51 37.16 18.61 34.71
N SER H 52 36.73 18.20 33.52
CA SER H 52 36.02 19.05 32.53
C SER H 52 34.64 19.43 33.06
N GLY H 53 34.13 20.60 32.64
CA GLY H 53 32.78 21.07 32.97
C GLY H 53 31.72 20.28 32.23
N VAL H 54 32.04 19.85 31.00
CA VAL H 54 31.15 19.06 30.10
C VAL H 54 31.77 17.67 29.92
N GLY H 55 30.99 16.61 30.13
CA GLY H 55 31.40 15.21 29.93
C GLY H 55 32.41 14.75 30.97
N THR H 56 32.77 13.46 30.95
CA THR H 56 33.78 12.82 31.83
C THR H 56 35.16 13.01 31.22
N GLY H 57 35.95 13.95 31.75
CA GLY H 57 37.29 14.29 31.25
C GLY H 57 38.22 14.71 32.38
N THR H 58 38.98 13.75 32.93
CA THR H 58 39.94 13.94 34.05
C THR H 58 41.36 14.11 33.47
N TYR H 59 42.13 15.05 34.03
CA TYR H 59 43.51 15.40 33.61
C TYR H 59 44.39 15.51 34.86
N TYR H 60 45.51 14.79 34.89
CA TYR H 60 46.39 14.62 36.09
C TYR H 60 47.82 15.05 35.76
N ALA H 61 48.60 15.38 36.80
CA ALA H 61 50.06 15.61 36.74
C ALA H 61 50.77 14.25 36.77
N ASP H 62 51.87 14.11 36.01
CA ASP H 62 52.65 12.85 35.87
C ASP H 62 53.12 12.39 37.26
N SER H 63 53.39 13.33 38.17
CA SER H 63 53.87 13.08 39.56
C SER H 63 52.83 12.30 40.36
N VAL H 64 51.53 12.46 40.05
CA VAL H 64 50.40 11.84 40.80
C VAL H 64 49.54 10.99 39.85
N LYS H 65 50.05 10.66 38.65
CA LYS H 65 49.31 9.87 37.63
C LYS H 65 49.20 8.42 38.10
N GLY H 66 47.97 7.93 38.27
CA GLY H 66 47.67 6.54 38.68
C GLY H 66 47.40 6.42 40.17
N ARG H 67 48.05 7.25 40.99
CA ARG H 67 47.95 7.25 42.47
C ARG H 67 46.80 8.15 42.94
N PHE H 68 46.54 9.24 42.22
CA PHE H 68 45.46 10.23 42.50
C PHE H 68 44.30 10.03 41.51
N THR H 69 43.08 10.35 41.95
CA THR H 69 41.84 10.32 41.12
C THR H 69 40.93 11.48 41.53
N ILE H 70 40.43 12.24 40.55
CA ILE H 70 39.50 13.39 40.73
C ILE H 70 38.12 12.95 40.23
N SER H 71 37.06 13.26 40.98
CA SER H 71 35.67 12.83 40.70
C SER H 71 34.67 13.89 41.17
N ARG H 72 33.48 13.88 40.57
CA ARG H 72 32.34 14.79 40.87
C ARG H 72 31.09 13.96 41.17
N ASP H 73 30.27 14.41 42.13
CA ASP H 73 28.96 13.79 42.45
C ASP H 73 27.95 14.16 41.35
N ASN H 74 26.79 13.49 41.34
CA ASN H 74 25.75 13.60 40.27
C ASN H 74 25.33 15.07 40.11
N GLY H 75 25.13 15.78 41.22
CA GLY H 75 24.61 17.17 41.25
C GLY H 75 25.66 18.20 40.85
N LYS H 76 26.95 17.82 40.82
CA LYS H 76 28.10 18.72 40.54
C LYS H 76 28.16 19.82 41.61
N ASN H 77 27.88 19.45 42.86
CA ASN H 77 27.91 20.34 44.05
C ASN H 77 29.25 20.18 44.78
N THR H 78 29.73 18.93 44.90
CA THR H 78 30.95 18.55 45.66
C THR H 78 31.99 17.95 44.71
N LEU H 79 33.22 18.46 44.75
CA LEU H 79 34.40 17.92 44.02
C LEU H 79 35.26 17.13 45.01
N PHE H 80 35.72 15.94 44.60
CA PHE H 80 36.52 14.99 45.44
C PHE H 80 37.89 14.75 44.80
N LEU H 81 38.91 14.52 45.63
CA LEU H 81 40.27 14.07 45.20
C LEU H 81 40.64 12.80 45.98
N GLN H 82 40.47 11.63 45.36
CA GLN H 82 40.82 10.30 45.93
C GLN H 82 42.35 10.15 45.87
N MET H 83 43.03 10.38 47.00
CA MET H 83 44.51 10.31 47.11
C MET H 83 44.91 8.95 47.70
N ASN H 84 45.74 8.19 46.99
CA ASN H 84 46.24 6.85 47.41
C ASN H 84 47.76 6.79 47.21
N SER H 85 48.43 5.87 47.90
CA SER H 85 49.92 5.68 47.90
C SER H 85 50.61 7.02 48.14
N LEU H 86 50.20 7.74 49.19
CA LEU H 86 50.74 9.07 49.58
C LEU H 86 52.22 8.94 49.91
N LYS H 87 53.07 9.70 49.21
CA LYS H 87 54.55 9.75 49.41
C LYS H 87 54.92 11.03 50.15
N PRO H 88 56.11 11.11 50.79
CA PRO H 88 56.54 12.32 51.48
C PRO H 88 56.50 13.59 50.61
N GLU H 89 56.75 13.45 49.30
CA GLU H 89 56.80 14.56 48.32
C GLU H 89 55.41 15.19 48.13
N ASP H 90 54.33 14.43 48.40
CA ASP H 90 52.91 14.89 48.26
C ASP H 90 52.58 15.91 49.36
N THR H 91 53.36 15.94 50.46
CA THR H 91 53.21 16.90 51.59
C THR H 91 53.19 18.33 51.03
N ALA H 92 52.04 19.02 51.14
CA ALA H 92 51.82 20.40 50.65
C ALA H 92 50.46 20.93 51.13
N MET H 93 50.19 22.21 50.87
CA MET H 93 48.90 22.89 51.14
C MET H 93 48.02 22.77 49.89
N TYR H 94 46.95 21.96 49.95
CA TYR H 94 46.07 21.63 48.81
C TYR H 94 44.90 22.63 48.73
N TYR H 95 44.69 23.21 47.55
CA TYR H 95 43.61 24.17 47.22
C TYR H 95 42.73 23.60 46.09
N CYS H 96 41.41 23.71 46.25
CA CYS H 96 40.41 23.38 45.19
CA CYS H 96 40.41 23.38 45.20
C CYS H 96 40.03 24.67 44.46
N ALA H 97 40.20 24.68 43.12
CA ALA H 97 39.97 25.84 42.24
C ALA H 97 38.84 25.55 41.26
N ALA H 98 38.30 26.61 40.64
CA ALA H 98 37.26 26.57 39.59
C ALA H 98 37.54 27.65 38.54
N ALA H 99 37.40 27.30 37.26
CA ALA H 99 37.56 28.20 36.09
C ALA H 99 36.44 29.25 36.11
N PRO H 100 36.49 30.29 35.24
CA PRO H 100 35.37 31.22 35.11
C PRO H 100 34.07 30.48 34.74
N GLU H 101 32.97 30.82 35.42
CA GLU H 101 31.62 30.21 35.18
C GLU H 101 31.40 30.08 33.67
N GLY H 102 31.15 28.85 33.20
CA GLY H 102 30.88 28.54 31.79
C GLY H 102 32.08 27.92 31.08
N ARG H 103 33.29 28.17 31.58
CA ARG H 103 34.56 27.61 31.03
C ARG H 103 34.64 26.12 31.41
N ALA H 104 34.35 25.23 30.45
CA ALA H 104 34.31 23.76 30.65
C ALA H 104 35.72 23.17 30.56
N TRP H 105 36.55 23.67 29.63
CA TRP H 105 37.95 23.21 29.42
C TRP H 105 38.84 23.74 30.56
N CYS H 106 39.88 22.98 30.90
CA CYS H 106 40.71 23.17 32.12
C CYS H 106 42.09 23.73 31.77
N SER H 107 42.44 24.88 32.37
CA SER H 107 43.79 25.52 32.28
C SER H 107 44.80 24.66 33.07
N ARG H 108 46.05 24.67 32.63
CA ARG H 108 47.18 23.98 33.32
C ARG H 108 47.79 24.93 34.36
N ASP H 109 47.91 26.22 34.02
CA ASP H 109 48.43 27.29 34.91
C ASP H 109 47.33 27.72 35.87
N PRO H 110 47.65 28.04 37.15
CA PRO H 110 46.63 28.47 38.11
C PRO H 110 46.00 29.84 37.80
N SER H 111 46.64 30.63 36.92
CA SER H 111 46.17 31.97 36.47
C SER H 111 44.80 31.86 35.79
N GLY H 112 44.49 30.69 35.18
CA GLY H 112 43.25 30.45 34.43
C GLY H 112 42.10 29.98 35.31
N TYR H 113 42.21 30.15 36.63
CA TYR H 113 41.16 29.83 37.64
C TYR H 113 40.83 31.10 38.43
N ASN H 114 39.54 31.47 38.48
CA ASN H 114 39.04 32.73 39.09
C ASN H 114 38.67 32.50 40.56
N TYR H 115 38.01 31.38 40.86
CA TYR H 115 37.49 31.05 42.21
C TYR H 115 38.40 30.02 42.88
N TRP H 116 38.78 30.30 44.13
CA TRP H 116 39.68 29.46 44.98
C TRP H 116 39.05 29.23 46.35
N GLY H 117 39.38 28.11 47.00
CA GLY H 117 39.03 27.81 48.39
C GLY H 117 40.11 28.29 49.34
N GLN H 118 39.80 28.38 50.65
CA GLN H 118 40.72 28.89 51.70
C GLN H 118 41.97 28.00 51.77
N GLY H 119 41.81 26.70 51.53
CA GLY H 119 42.90 25.70 51.50
C GLY H 119 42.74 24.66 52.60
N THR H 120 43.55 23.59 52.54
CA THR H 120 43.58 22.48 53.54
C THR H 120 44.96 21.81 53.49
N GLN H 121 45.58 21.61 54.66
CA GLN H 121 46.95 21.03 54.80
C GLN H 121 46.87 19.51 54.71
N VAL H 122 47.85 18.89 54.03
CA VAL H 122 48.02 17.42 53.92
C VAL H 122 49.49 17.09 54.17
N THR H 123 49.79 16.42 55.29
CA THR H 123 51.15 15.99 55.71
C THR H 123 51.29 14.48 55.52
N VAL H 124 52.46 14.02 55.07
CA VAL H 124 52.78 12.58 54.82
C VAL H 124 54.12 12.26 55.46
N SER H 125 54.14 11.33 56.43
CA SER H 125 55.36 10.87 57.15
C SER H 125 56.13 9.87 56.29
#